data_8HKW
#
_entry.id   8HKW
#
_cell.length_a   95.703
_cell.length_b   79.600
_cell.length_c   117.440
_cell.angle_alpha   90.00
_cell.angle_beta   95.57
_cell.angle_gamma   90.00
#
_symmetry.space_group_name_H-M   'I 1 2 1'
#
loop_
_entity.id
_entity.type
_entity.pdbx_description
1 polymer 'Importin subunit alpha-3'
2 polymer 'Peptide from TP53-binding protein 1'
3 water water
#
loop_
_entity_poly.entity_id
_entity_poly.type
_entity_poly.pdbx_seq_one_letter_code
_entity_poly.pdbx_strand_id
1 'polypeptide(L)'
;NTSLEAIVQNASSDNQGIQLSAVQAARKLLSSDRNPPIDDLIKSGILPILVHCLERDDNPSLQFEAAWALTNIASGTSEQ
TQAVVQSNAVPLFLRLLHSPHQNVCEQAVWALGNIIGDGPQCRDYVISLGVVKPLLSFISPSIPITFLRNVTWVMVNLCR
HKDPPPPMETIQEILPALCVLIHHTDVNILVDTVWALSYLTDAGNEQIQMVIDSGIVPHLVPLLSHQEVKVQTAALRAVG
NIVTGTDEQTQVVLNCDALSHFPALLTHPKEKINKEAVWFLSNITAGNQQQVQAVIDANLVPMIIHLLDKGDFGTQKEAA
WAISNLTISGRKDQVAYLIQQNVIPPFCNLLTVKDAQVVQVVLDGLSNILKMAEDEAETIGNLIEECGGLEKIEQLQNHE
NEDIYKLAYEIIDQFF
;
A,B
2 'polypeptide(L)' SGKRKLITSEEERSPAKRGRKS C,D
#
# COMPACT_ATOMS: atom_id res chain seq x y z
N THR A 2 -2.34 39.11 -10.79
CA THR A 2 -3.18 40.19 -10.26
C THR A 2 -4.65 39.78 -10.28
N SER A 3 -5.00 38.80 -11.12
CA SER A 3 -6.35 38.26 -11.09
C SER A 3 -6.60 37.51 -9.78
N LEU A 4 -5.58 36.84 -9.27
CA LEU A 4 -5.69 36.17 -7.98
C LEU A 4 -5.84 37.20 -6.85
N GLU A 5 -5.08 38.28 -6.91
CA GLU A 5 -5.21 39.33 -5.89
C GLU A 5 -6.58 40.00 -5.98
N ALA A 6 -7.10 40.17 -7.19
CA ALA A 6 -8.41 40.78 -7.35
C ALA A 6 -9.51 39.88 -6.82
N ILE A 7 -9.40 38.57 -7.08
CA ILE A 7 -10.38 37.62 -6.56
C ILE A 7 -10.41 37.65 -5.04
N VAL A 8 -9.25 37.75 -4.40
CA VAL A 8 -9.19 37.82 -2.95
C VAL A 8 -9.85 39.08 -2.44
N GLN A 9 -9.56 40.22 -3.09
CA GLN A 9 -10.20 41.47 -2.71
C GLN A 9 -11.71 41.37 -2.84
N ASN A 10 -12.18 40.91 -4.00
CA ASN A 10 -13.61 40.82 -4.26
C ASN A 10 -14.29 39.81 -3.35
N ALA A 11 -13.55 38.87 -2.77
CA ALA A 11 -14.15 37.90 -1.86
C ALA A 11 -14.62 38.53 -0.57
N SER A 12 -14.24 39.78 -0.30
CA SER A 12 -14.69 40.53 0.87
C SER A 12 -15.65 41.65 0.50
N SER A 13 -16.18 41.66 -0.72
CA SER A 13 -17.02 42.75 -1.19
C SER A 13 -18.35 42.79 -0.44
N ASP A 14 -18.85 44.01 -0.25
CA ASP A 14 -20.20 44.18 0.28
C ASP A 14 -21.26 43.82 -0.75
N ASN A 15 -20.90 43.85 -2.04
CA ASN A 15 -21.81 43.44 -3.10
C ASN A 15 -21.87 41.92 -3.11
N GLN A 16 -23.03 41.35 -2.75
CA GLN A 16 -23.14 39.90 -2.62
C GLN A 16 -22.93 39.19 -3.95
N GLY A 17 -23.33 39.81 -5.06
CA GLY A 17 -23.06 39.22 -6.36
C GLY A 17 -21.57 39.12 -6.65
N ILE A 18 -20.82 40.17 -6.29
CA ILE A 18 -19.38 40.16 -6.52
C ILE A 18 -18.68 39.19 -5.59
N GLN A 19 -19.12 39.12 -4.33
CA GLN A 19 -18.51 38.21 -3.37
C GLN A 19 -18.72 36.75 -3.76
N LEU A 20 -19.96 36.40 -4.16
CA LEU A 20 -20.23 35.03 -4.55
C LEU A 20 -19.42 34.63 -5.78
N SER A 21 -19.30 35.54 -6.75
CA SER A 21 -18.54 35.24 -7.97
C SER A 21 -17.05 35.07 -7.69
N ALA A 22 -16.53 35.88 -6.77
CA ALA A 22 -15.11 35.77 -6.41
C ALA A 22 -14.80 34.44 -5.72
N VAL A 23 -15.64 34.06 -4.74
CA VAL A 23 -15.42 32.79 -4.05
C VAL A 23 -15.60 31.63 -5.01
N GLN A 24 -16.57 31.74 -5.92
CA GLN A 24 -16.73 30.74 -6.97
C GLN A 24 -15.47 30.62 -7.81
N ALA A 25 -14.92 31.75 -8.24
CA ALA A 25 -13.72 31.72 -9.08
C ALA A 25 -12.55 31.06 -8.34
N ALA A 26 -12.44 31.27 -7.03
CA ALA A 26 -11.42 30.57 -6.25
C ALA A 26 -11.71 29.07 -6.21
N ARG A 27 -12.97 28.69 -5.98
CA ARG A 27 -13.34 27.27 -6.01
C ARG A 27 -13.03 26.65 -7.37
N LYS A 28 -13.29 27.39 -8.45
CA LYS A 28 -13.06 26.86 -9.79
C LYS A 28 -11.59 26.55 -10.02
N LEU A 29 -10.69 27.41 -9.51
CA LEU A 29 -9.26 27.15 -9.65
C LEU A 29 -8.86 25.84 -8.99
N LEU A 30 -9.56 25.44 -7.92
CA LEU A 30 -9.25 24.24 -7.18
C LEU A 30 -9.96 22.99 -7.69
N SER A 31 -10.96 23.14 -8.56
CA SER A 31 -11.77 22.02 -8.99
C SER A 31 -11.79 21.79 -10.50
N SER A 32 -11.17 22.67 -11.29
CA SER A 32 -11.26 22.55 -12.74
C SER A 32 -10.29 21.56 -13.34
N ASP A 33 -9.29 21.09 -12.60
CA ASP A 33 -8.38 20.07 -13.10
C ASP A 33 -7.79 19.30 -11.94
N ARG A 34 -7.06 18.23 -12.28
CA ARG A 34 -6.44 17.34 -11.30
C ARG A 34 -5.08 17.84 -10.81
N ASN A 35 -4.80 19.15 -10.95
CA ASN A 35 -3.52 19.71 -10.53
C ASN A 35 -3.76 21.13 -10.02
N PRO A 36 -4.55 21.27 -8.95
CA PRO A 36 -5.00 22.61 -8.55
C PRO A 36 -3.86 23.40 -7.93
N PRO A 37 -3.86 24.72 -8.11
CA PRO A 37 -2.82 25.60 -7.55
C PRO A 37 -3.11 26.00 -6.10
N ILE A 38 -3.01 25.03 -5.19
CA ILE A 38 -3.40 25.25 -3.81
C ILE A 38 -2.45 26.24 -3.13
N ASP A 39 -1.15 26.10 -3.37
CA ASP A 39 -0.17 26.96 -2.69
C ASP A 39 -0.36 28.42 -3.08
N ASP A 40 -0.67 28.70 -4.35
CA ASP A 40 -0.90 30.08 -4.77
C ASP A 40 -2.08 30.69 -4.03
N LEU A 41 -3.14 29.92 -3.82
CA LEU A 41 -4.31 30.44 -3.12
C LEU A 41 -4.05 30.64 -1.63
N ILE A 42 -3.25 29.77 -1.02
CA ILE A 42 -2.91 29.94 0.39
C ILE A 42 -2.07 31.19 0.58
N LYS A 43 -1.10 31.43 -0.30
CA LYS A 43 -0.24 32.60 -0.18
C LYS A 43 -1.02 33.88 -0.48
N SER A 44 -2.06 33.80 -1.30
CA SER A 44 -2.83 34.99 -1.65
C SER A 44 -3.54 35.59 -0.44
N GLY A 45 -3.72 34.81 0.63
CA GLY A 45 -4.44 35.27 1.80
C GLY A 45 -5.92 35.00 1.80
N ILE A 46 -6.39 34.01 1.02
CA ILE A 46 -7.82 33.78 0.89
C ILE A 46 -8.36 32.87 1.99
N LEU A 47 -7.51 32.17 2.72
CA LEU A 47 -7.99 31.23 3.74
C LEU A 47 -8.87 31.89 4.79
N PRO A 48 -8.47 32.97 5.48
CA PRO A 48 -9.35 33.55 6.50
C PRO A 48 -10.63 34.14 5.92
N ILE A 49 -10.63 34.53 4.64
CA ILE A 49 -11.85 35.02 4.01
C ILE A 49 -12.83 33.87 3.78
N LEU A 50 -12.32 32.74 3.30
CA LEU A 50 -13.18 31.56 3.12
C LEU A 50 -13.73 31.09 4.45
N VAL A 51 -12.92 31.12 5.51
CA VAL A 51 -13.38 30.69 6.83
C VAL A 51 -14.50 31.62 7.31
N HIS A 52 -14.35 32.93 7.08
CA HIS A 52 -15.40 33.87 7.46
C HIS A 52 -16.69 33.62 6.69
N CYS A 53 -16.58 33.16 5.44
CA CYS A 53 -17.77 32.86 4.65
C CYS A 53 -18.56 31.69 5.24
N LEU A 54 -17.88 30.78 5.94
CA LEU A 54 -18.58 29.68 6.60
C LEU A 54 -19.53 30.16 7.68
N GLU A 55 -19.33 31.37 8.20
CA GLU A 55 -20.20 31.93 9.23
C GLU A 55 -21.47 32.55 8.67
N ARG A 56 -21.55 32.75 7.36
CA ARG A 56 -22.65 33.49 6.74
C ARG A 56 -23.87 32.60 6.59
N ASP A 57 -24.57 32.39 7.72
CA ASP A 57 -25.84 31.68 7.65
C ASP A 57 -26.87 32.42 6.82
N ASP A 58 -26.69 33.72 6.62
CA ASP A 58 -27.58 34.51 5.78
C ASP A 58 -27.37 34.29 4.29
N ASN A 59 -26.31 33.58 3.89
CA ASN A 59 -26.06 33.27 2.48
C ASN A 59 -25.59 31.83 2.36
N PRO A 60 -26.53 30.89 2.21
CA PRO A 60 -26.13 29.49 2.07
C PRO A 60 -25.32 29.20 0.80
N SER A 61 -25.62 29.91 -0.29
CA SER A 61 -24.86 29.73 -1.52
C SER A 61 -23.38 30.04 -1.29
N LEU A 62 -23.10 31.14 -0.58
CA LEU A 62 -21.72 31.48 -0.27
C LEU A 62 -21.09 30.46 0.67
N GLN A 63 -21.85 29.99 1.67
CA GLN A 63 -21.33 28.96 2.57
C GLN A 63 -20.92 27.71 1.81
N PHE A 64 -21.77 27.27 0.87
CA PHE A 64 -21.48 26.07 0.10
C PHE A 64 -20.22 26.26 -0.75
N GLU A 65 -20.10 27.41 -1.42
CA GLU A 65 -18.94 27.64 -2.27
C GLU A 65 -17.65 27.73 -1.46
N ALA A 66 -17.72 28.35 -0.28
CA ALA A 66 -16.54 28.44 0.56
C ALA A 66 -16.15 27.07 1.13
N ALA A 67 -17.15 26.27 1.50
CA ALA A 67 -16.87 24.93 2.00
C ALA A 67 -16.27 24.05 0.91
N TRP A 68 -16.76 24.19 -0.32
CA TRP A 68 -16.18 23.45 -1.44
C TRP A 68 -14.74 23.88 -1.67
N ALA A 69 -14.47 25.19 -1.63
CA ALA A 69 -13.10 25.68 -1.81
C ALA A 69 -12.18 25.14 -0.72
N LEU A 70 -12.63 25.22 0.54
CA LEU A 70 -11.80 24.72 1.64
C LEU A 70 -11.65 23.20 1.59
N THR A 71 -12.66 22.49 1.10
CA THR A 71 -12.55 21.04 0.94
C THR A 71 -11.37 20.66 0.07
N ASN A 72 -11.19 21.37 -1.06
CA ASN A 72 -10.13 20.99 -1.98
C ASN A 72 -8.76 21.42 -1.49
N ILE A 73 -8.66 22.54 -0.76
CA ILE A 73 -7.38 22.89 -0.15
C ILE A 73 -6.95 21.82 0.84
N ALA A 74 -7.89 21.33 1.65
CA ALA A 74 -7.62 20.30 2.63
C ALA A 74 -7.35 18.93 2.01
N SER A 75 -7.59 18.76 0.70
CA SER A 75 -7.33 17.50 0.03
C SER A 75 -5.90 17.37 -0.46
N GLY A 76 -5.04 18.36 -0.20
CA GLY A 76 -3.68 18.33 -0.69
C GLY A 76 -2.67 17.75 0.27
N THR A 77 -1.48 18.33 0.30
CA THR A 77 -0.42 17.86 1.19
C THR A 77 -0.80 18.10 2.64
N SER A 78 0.01 17.52 3.55
CA SER A 78 -0.25 17.70 4.98
C SER A 78 -0.16 19.16 5.37
N GLU A 79 0.81 19.89 4.82
CA GLU A 79 0.97 21.31 5.14
C GLU A 79 -0.23 22.12 4.63
N GLN A 80 -0.81 21.70 3.50
CA GLN A 80 -1.99 22.39 2.99
C GLN A 80 -3.24 22.04 3.80
N THR A 81 -3.42 20.77 4.15
CA THR A 81 -4.47 20.41 5.10
C THR A 81 -4.26 21.13 6.42
N GLN A 82 -3.00 21.25 6.86
CA GLN A 82 -2.70 21.90 8.12
C GLN A 82 -3.02 23.39 8.10
N ALA A 83 -2.88 24.04 6.95
CA ALA A 83 -3.22 25.46 6.88
C ALA A 83 -4.72 25.69 7.08
N VAL A 84 -5.56 24.75 6.65
CA VAL A 84 -7.00 24.86 6.91
C VAL A 84 -7.28 24.67 8.39
N VAL A 85 -6.58 23.73 9.03
CA VAL A 85 -6.75 23.50 10.47
C VAL A 85 -6.37 24.76 11.25
N GLN A 86 -5.23 25.36 10.91
CA GLN A 86 -4.76 26.52 11.65
C GLN A 86 -5.58 27.76 11.38
N SER A 87 -6.42 27.74 10.37
CA SER A 87 -7.38 28.82 10.20
C SER A 87 -8.62 28.65 11.07
N ASN A 88 -8.69 27.62 11.91
CA ASN A 88 -9.83 27.38 12.80
C ASN A 88 -11.14 27.13 12.04
N ALA A 89 -11.04 26.49 10.88
CA ALA A 89 -12.22 26.13 10.09
C ALA A 89 -12.98 24.93 10.68
N VAL A 90 -12.33 24.07 11.45
CA VAL A 90 -12.99 22.84 11.91
C VAL A 90 -14.19 23.13 12.80
N PRO A 91 -14.12 24.01 13.81
CA PRO A 91 -15.32 24.30 14.59
C PRO A 91 -16.48 24.84 13.77
N LEU A 92 -16.19 25.55 12.67
CA LEU A 92 -17.26 26.05 11.82
C LEU A 92 -17.83 24.94 10.94
N PHE A 93 -16.98 24.03 10.45
CA PHE A 93 -17.48 22.87 9.74
C PHE A 93 -18.39 22.03 10.62
N LEU A 94 -18.03 21.88 11.90
CA LEU A 94 -18.82 21.06 12.81
C LEU A 94 -20.20 21.67 13.06
N ARG A 95 -20.29 23.00 13.12
CA ARG A 95 -21.60 23.61 13.28
C ARG A 95 -22.40 23.58 12.00
N LEU A 96 -21.74 23.46 10.84
CA LEU A 96 -22.46 23.34 9.58
C LEU A 96 -23.01 21.94 9.34
N LEU A 97 -22.63 20.97 10.17
CA LEU A 97 -23.22 19.63 10.10
C LEU A 97 -24.72 19.66 10.35
N HIS A 98 -25.23 20.71 11.01
CA HIS A 98 -26.65 20.85 11.26
C HIS A 98 -27.23 22.09 10.58
N SER A 99 -26.64 22.49 9.46
CA SER A 99 -27.26 23.51 8.63
C SER A 99 -28.57 22.97 8.06
N PRO A 100 -29.59 23.82 7.90
CA PRO A 100 -30.84 23.34 7.28
C PRO A 100 -30.69 23.00 5.81
N HIS A 101 -29.56 23.34 5.19
CA HIS A 101 -29.35 23.15 3.76
C HIS A 101 -28.48 21.91 3.54
N GLN A 102 -29.01 20.97 2.76
CA GLN A 102 -28.37 19.66 2.59
C GLN A 102 -26.99 19.79 1.96
N ASN A 103 -26.87 20.61 0.91
CA ASN A 103 -25.59 20.70 0.20
C ASN A 103 -24.50 21.31 1.07
N VAL A 104 -24.84 22.27 1.93
CA VAL A 104 -23.86 22.82 2.87
C VAL A 104 -23.44 21.75 3.87
N CYS A 105 -24.41 20.98 4.37
CA CYS A 105 -24.12 19.91 5.31
CA CYS A 105 -24.11 19.91 5.33
C CYS A 105 -23.17 18.88 4.73
N GLU A 106 -23.49 18.40 3.53
CA GLU A 106 -22.67 17.37 2.92
C GLU A 106 -21.25 17.87 2.67
N GLN A 107 -21.11 19.11 2.21
CA GLN A 107 -19.78 19.61 1.90
C GLN A 107 -18.92 19.76 3.15
N ALA A 108 -19.56 20.04 4.29
CA ALA A 108 -18.83 20.10 5.56
C ALA A 108 -18.34 18.72 5.96
N VAL A 109 -19.17 17.68 5.79
CA VAL A 109 -18.72 16.31 6.02
C VAL A 109 -17.52 15.99 5.14
N TRP A 110 -17.57 16.39 3.87
CA TRP A 110 -16.49 16.12 2.93
C TRP A 110 -15.19 16.79 3.39
N ALA A 111 -15.26 18.06 3.79
CA ALA A 111 -14.06 18.76 4.23
C ALA A 111 -13.48 18.12 5.48
N LEU A 112 -14.33 17.75 6.43
CA LEU A 112 -13.84 17.14 7.66
C LEU A 112 -13.18 15.80 7.38
N GLY A 113 -13.71 15.05 6.41
CA GLY A 113 -13.10 13.77 6.06
C GLY A 113 -11.69 13.90 5.53
N ASN A 114 -11.43 14.97 4.77
CA ASN A 114 -10.08 15.21 4.26
C ASN A 114 -9.12 15.56 5.39
N ILE A 115 -9.58 16.32 6.39
CA ILE A 115 -8.74 16.64 7.54
C ILE A 115 -8.48 15.39 8.37
N ILE A 116 -9.52 14.58 8.60
CA ILE A 116 -9.35 13.34 9.35
C ILE A 116 -8.39 12.40 8.61
N GLY A 117 -8.48 12.36 7.28
CA GLY A 117 -7.65 11.48 6.49
C GLY A 117 -6.18 11.85 6.44
N ASP A 118 -5.81 13.01 6.96
CA ASP A 118 -4.41 13.44 6.89
C ASP A 118 -3.50 12.60 7.78
N GLY A 119 -4.00 12.14 8.92
CA GLY A 119 -3.20 11.39 9.85
C GLY A 119 -3.86 11.27 11.22
N PRO A 120 -3.21 10.53 12.13
CA PRO A 120 -3.84 10.33 13.45
C PRO A 120 -3.95 11.59 14.28
N GLN A 121 -3.01 12.53 14.16
CA GLN A 121 -3.06 13.74 14.98
C GLN A 121 -4.21 14.65 14.57
N CYS A 122 -4.44 14.81 13.26
CA CYS A 122 -5.59 15.59 12.81
C CYS A 122 -6.89 14.83 13.08
N ARG A 123 -6.85 13.49 12.95
CA ARG A 123 -8.02 12.68 13.27
C ARG A 123 -8.46 12.88 14.72
N ASP A 124 -7.50 12.84 15.65
CA ASP A 124 -7.84 12.98 17.06
C ASP A 124 -8.25 14.41 17.41
N TYR A 125 -7.75 15.40 16.68
CA TYR A 125 -8.20 16.77 16.89
C TYR A 125 -9.68 16.91 16.52
N VAL A 126 -10.08 16.36 15.38
CA VAL A 126 -11.48 16.44 14.97
C VAL A 126 -12.35 15.57 15.88
N ILE A 127 -11.83 14.44 16.35
CA ILE A 127 -12.58 13.63 17.31
C ILE A 127 -12.78 14.39 18.62
N SER A 128 -11.73 15.08 19.08
CA SER A 128 -11.81 15.80 20.35
C SER A 128 -12.90 16.87 20.33
N LEU A 129 -13.22 17.40 19.16
CA LEU A 129 -14.26 18.40 19.04
C LEU A 129 -15.65 17.83 18.79
N GLY A 130 -15.78 16.51 18.76
CA GLY A 130 -17.09 15.87 18.80
C GLY A 130 -17.70 15.56 17.45
N VAL A 131 -16.90 15.10 16.50
CA VAL A 131 -17.41 14.89 15.14
C VAL A 131 -18.18 13.58 15.03
N VAL A 132 -17.87 12.59 15.86
CA VAL A 132 -18.32 11.22 15.58
C VAL A 132 -19.83 11.09 15.76
N LYS A 133 -20.36 11.62 16.85
CA LYS A 133 -21.80 11.44 17.12
C LYS A 133 -22.68 12.11 16.06
N PRO A 134 -22.51 13.39 15.73
CA PRO A 134 -23.35 13.95 14.66
C PRO A 134 -23.08 13.32 13.30
N LEU A 135 -21.88 12.80 13.07
CA LEU A 135 -21.61 12.09 11.82
C LEU A 135 -22.46 10.84 11.70
N LEU A 136 -22.48 10.02 12.74
CA LEU A 136 -23.25 8.78 12.72
C LEU A 136 -24.75 9.05 12.75
N SER A 137 -25.17 10.20 13.25
CA SER A 137 -26.60 10.53 13.26
C SER A 137 -27.17 10.69 11.86
N PHE A 138 -26.32 10.91 10.85
CA PHE A 138 -26.81 11.01 9.48
C PHE A 138 -27.31 9.68 8.95
N ILE A 139 -26.86 8.56 9.53
CA ILE A 139 -27.31 7.24 9.09
C ILE A 139 -28.79 7.08 9.45
N SER A 140 -29.63 6.98 8.44
CA SER A 140 -31.07 6.89 8.63
C SER A 140 -31.67 6.23 7.40
N PRO A 141 -32.94 5.80 7.47
CA PRO A 141 -33.56 5.24 6.26
C PRO A 141 -33.72 6.22 5.13
N SER A 142 -33.82 7.52 5.41
CA SER A 142 -34.13 8.51 4.39
C SER A 142 -32.90 9.15 3.76
N ILE A 143 -31.70 8.88 4.26
CA ILE A 143 -30.52 9.61 3.77
C ILE A 143 -30.29 9.26 2.30
N PRO A 144 -30.00 10.23 1.44
CA PRO A 144 -29.67 9.91 0.05
C PRO A 144 -28.39 9.12 -0.04
N ILE A 145 -28.35 8.19 -1.01
CA ILE A 145 -27.26 7.24 -1.11
C ILE A 145 -25.92 7.94 -1.39
N THR A 146 -25.95 9.04 -2.17
CA THR A 146 -24.71 9.76 -2.43
C THR A 146 -24.13 10.36 -1.16
N PHE A 147 -24.99 10.86 -0.28
CA PHE A 147 -24.53 11.39 1.00
C PHE A 147 -23.99 10.27 1.89
N LEU A 148 -24.68 9.12 1.91
CA LEU A 148 -24.25 8.02 2.77
C LEU A 148 -22.87 7.51 2.38
N ARG A 149 -22.57 7.50 1.09
CA ARG A 149 -21.24 7.06 0.66
C ARG A 149 -20.15 8.00 1.17
N ASN A 150 -20.46 9.29 1.31
CA ASN A 150 -19.49 10.22 1.89
C ASN A 150 -19.39 10.04 3.40
N VAL A 151 -20.48 9.68 4.07
CA VAL A 151 -20.43 9.44 5.50
C VAL A 151 -19.60 8.20 5.80
N THR A 152 -19.82 7.12 5.05
CA THR A 152 -19.05 5.90 5.25
C THR A 152 -17.58 6.09 4.91
N TRP A 153 -17.27 6.97 3.96
CA TRP A 153 -15.88 7.27 3.63
C TRP A 153 -15.18 7.97 4.79
N VAL A 154 -15.86 8.90 5.46
CA VAL A 154 -15.30 9.52 6.65
C VAL A 154 -15.12 8.49 7.75
N MET A 155 -16.05 7.54 7.88
CA MET A 155 -15.92 6.49 8.88
C MET A 155 -14.68 5.63 8.61
N VAL A 156 -14.39 5.36 7.34
CA VAL A 156 -13.15 4.66 7.00
C VAL A 156 -11.94 5.47 7.45
N ASN A 157 -11.95 6.78 7.19
CA ASN A 157 -10.82 7.62 7.58
C ASN A 157 -10.66 7.70 9.09
N LEU A 158 -11.76 7.57 9.83
CA LEU A 158 -11.67 7.54 11.29
C LEU A 158 -10.99 6.27 11.81
N CYS A 159 -10.97 5.20 11.02
CA CYS A 159 -10.43 3.90 11.43
C CYS A 159 -9.08 3.57 10.80
N ARG A 160 -8.66 4.31 9.77
CA ARG A 160 -7.58 3.86 8.89
C ARG A 160 -6.16 4.01 9.43
N HIS A 161 -5.89 4.85 10.43
CA HIS A 161 -4.53 5.04 10.93
C HIS A 161 -4.29 4.25 12.21
N LYS A 162 -3.19 3.52 12.28
CA LYS A 162 -2.94 2.61 13.39
C LYS A 162 -1.89 3.08 14.40
N ASP A 163 -1.33 4.28 14.24
CA ASP A 163 -0.19 4.75 15.04
C ASP A 163 -0.47 6.15 15.57
N PRO A 164 -1.30 6.29 16.61
CA PRO A 164 -2.01 5.20 17.31
C PRO A 164 -3.39 4.93 16.67
N PRO A 165 -4.08 3.87 17.10
CA PRO A 165 -5.47 3.70 16.67
C PRO A 165 -6.35 4.79 17.25
N PRO A 166 -7.57 4.95 16.74
CA PRO A 166 -8.51 5.91 17.34
C PRO A 166 -8.83 5.51 18.78
N PRO A 167 -9.26 6.46 19.61
CA PRO A 167 -9.56 6.12 21.01
C PRO A 167 -10.62 5.04 21.11
N MET A 168 -10.55 4.27 22.20
CA MET A 168 -11.51 3.20 22.44
C MET A 168 -12.94 3.70 22.41
N GLU A 169 -13.17 4.90 22.96
CA GLU A 169 -14.51 5.47 22.97
C GLU A 169 -15.02 5.69 21.54
N THR A 170 -14.13 6.07 20.62
CA THR A 170 -14.55 6.28 19.24
C THR A 170 -14.88 4.94 18.57
N ILE A 171 -14.06 3.91 18.79
CA ILE A 171 -14.32 2.60 18.20
C ILE A 171 -15.65 2.05 18.68
N GLN A 172 -15.95 2.23 19.98
CA GLN A 172 -17.22 1.75 20.51
C GLN A 172 -18.41 2.52 19.97
N GLU A 173 -18.21 3.75 19.50
CA GLU A 173 -19.29 4.46 18.81
C GLU A 173 -19.44 4.00 17.37
N ILE A 174 -18.34 3.66 16.71
CA ILE A 174 -18.36 3.33 15.29
C ILE A 174 -18.90 1.92 15.04
N LEU A 175 -18.58 0.98 15.94
CA LEU A 175 -18.95 -0.42 15.71
C LEU A 175 -20.46 -0.64 15.56
N PRO A 176 -21.33 -0.07 16.40
CA PRO A 176 -22.77 -0.24 16.15
C PRO A 176 -23.23 0.33 14.83
N ALA A 177 -22.57 1.37 14.33
CA ALA A 177 -22.91 1.88 13.00
C ALA A 177 -22.49 0.92 11.91
N LEU A 178 -21.33 0.27 12.08
CA LEU A 178 -20.90 -0.75 11.12
C LEU A 178 -21.81 -1.97 11.14
N CYS A 179 -22.36 -2.32 12.31
CA CYS A 179 -23.33 -3.41 12.38
C CYS A 179 -24.58 -3.09 11.56
N VAL A 180 -24.97 -1.83 11.51
CA VAL A 180 -26.14 -1.43 10.71
C VAL A 180 -25.79 -1.47 9.22
N LEU A 181 -24.64 -0.90 8.86
CA LEU A 181 -24.29 -0.73 7.45
C LEU A 181 -23.87 -2.03 6.76
N ILE A 182 -23.46 -3.04 7.51
CA ILE A 182 -23.03 -4.29 6.88
C ILE A 182 -24.19 -5.06 6.27
N HIS A 183 -25.43 -4.64 6.54
CA HIS A 183 -26.62 -5.22 5.90
C HIS A 183 -27.10 -4.39 4.72
N HIS A 184 -26.39 -3.33 4.35
CA HIS A 184 -26.78 -2.51 3.22
C HIS A 184 -26.60 -3.26 1.91
N THR A 185 -27.45 -2.93 0.92
CA THR A 185 -27.39 -3.57 -0.38
C THR A 185 -26.56 -2.80 -1.40
N ASP A 186 -26.19 -1.55 -1.10
CA ASP A 186 -25.29 -0.82 -1.99
C ASP A 186 -23.88 -1.37 -1.85
N VAL A 187 -23.24 -1.65 -2.98
CA VAL A 187 -21.93 -2.30 -2.96
C VAL A 187 -20.87 -1.37 -2.38
N ASN A 188 -20.89 -0.09 -2.78
CA ASN A 188 -19.89 0.85 -2.31
C ASN A 188 -19.94 1.00 -0.79
N ILE A 189 -21.15 1.01 -0.21
CA ILE A 189 -21.28 1.10 1.23
C ILE A 189 -20.81 -0.18 1.90
N LEU A 190 -21.13 -1.32 1.31
CA LEU A 190 -20.64 -2.60 1.84
C LEU A 190 -19.12 -2.64 1.85
N VAL A 191 -18.49 -2.23 0.74
CA VAL A 191 -17.04 -2.27 0.64
C VAL A 191 -16.40 -1.34 1.66
N ASP A 192 -16.94 -0.12 1.80
CA ASP A 192 -16.42 0.81 2.80
C ASP A 192 -16.58 0.26 4.21
N THR A 193 -17.75 -0.31 4.51
CA THR A 193 -18.00 -0.85 5.83
C THR A 193 -17.00 -1.94 6.18
N VAL A 194 -16.72 -2.85 5.24
CA VAL A 194 -15.85 -3.98 5.54
C VAL A 194 -14.39 -3.54 5.62
N TRP A 195 -13.97 -2.59 4.77
CA TRP A 195 -12.62 -2.06 4.90
C TRP A 195 -12.43 -1.33 6.22
N ALA A 196 -13.47 -0.66 6.72
CA ALA A 196 -13.37 -0.03 8.03
C ALA A 196 -13.15 -1.08 9.11
N LEU A 197 -13.81 -2.23 8.99
CA LEU A 197 -13.59 -3.33 9.92
C LEU A 197 -12.18 -3.90 9.79
N SER A 198 -11.68 -4.01 8.55
CA SER A 198 -10.32 -4.53 8.36
C SER A 198 -9.28 -3.63 9.04
N TYR A 199 -9.51 -2.32 9.03
CA TYR A 199 -8.60 -1.42 9.73
C TYR A 199 -8.68 -1.60 11.24
N LEU A 200 -9.89 -1.81 11.76
CA LEU A 200 -10.06 -1.99 13.19
C LEU A 200 -9.49 -3.32 13.68
N THR A 201 -9.55 -4.36 12.83
CA THR A 201 -9.06 -5.67 13.22
C THR A 201 -7.55 -5.83 13.01
N ASP A 202 -6.91 -4.87 12.36
CA ASP A 202 -5.46 -4.85 12.21
C ASP A 202 -4.79 -4.05 13.31
N ALA A 203 -5.55 -3.60 14.32
CA ALA A 203 -5.04 -2.69 15.34
C ALA A 203 -4.64 -3.38 16.64
N GLY A 204 -4.68 -4.71 16.72
CA GLY A 204 -4.31 -5.42 17.93
C GLY A 204 -5.37 -6.35 18.48
N ASN A 205 -5.00 -7.23 19.41
CA ASN A 205 -5.95 -8.25 19.86
C ASN A 205 -7.10 -7.66 20.68
N GLU A 206 -6.87 -6.55 21.35
CA GLU A 206 -7.93 -5.94 22.14
C GLU A 206 -8.99 -5.28 21.26
N GLN A 207 -8.57 -4.64 20.18
CA GLN A 207 -9.55 -4.14 19.23
C GLN A 207 -10.26 -5.28 18.52
N ILE A 208 -9.55 -6.38 18.26
CA ILE A 208 -10.18 -7.56 17.68
C ILE A 208 -11.29 -8.06 18.58
N GLN A 209 -11.07 -8.06 19.90
CA GLN A 209 -12.10 -8.50 20.83
C GLN A 209 -13.31 -7.56 20.81
N MET A 210 -13.06 -6.25 20.65
CA MET A 210 -14.16 -5.30 20.53
C MET A 210 -15.00 -5.59 19.29
N VAL A 211 -14.35 -5.89 18.18
CA VAL A 211 -15.08 -6.23 16.96
C VAL A 211 -15.91 -7.50 17.17
N ILE A 212 -15.31 -8.51 17.81
CA ILE A 212 -16.04 -9.75 18.10
C ILE A 212 -17.22 -9.46 19.03
N ASP A 213 -16.98 -8.67 20.08
CA ASP A 213 -18.03 -8.38 21.05
C ASP A 213 -19.18 -7.60 20.44
N SER A 214 -18.95 -6.90 19.33
CA SER A 214 -20.04 -6.18 18.67
C SER A 214 -21.06 -7.13 18.05
N GLY A 215 -20.71 -8.41 17.90
CA GLY A 215 -21.59 -9.37 17.27
C GLY A 215 -21.62 -9.35 15.77
N ILE A 216 -20.68 -8.66 15.12
CA ILE A 216 -20.70 -8.45 13.67
C ILE A 216 -20.04 -9.58 12.88
N VAL A 217 -19.29 -10.48 13.53
CA VAL A 217 -18.56 -11.52 12.80
C VAL A 217 -19.48 -12.46 12.04
N PRO A 218 -20.59 -12.96 12.60
CA PRO A 218 -21.48 -13.83 11.82
C PRO A 218 -22.06 -13.17 10.57
N HIS A 219 -22.03 -11.84 10.49
CA HIS A 219 -22.51 -11.13 9.31
C HIS A 219 -21.38 -10.70 8.38
N LEU A 220 -20.12 -10.90 8.80
CA LEU A 220 -18.95 -10.61 7.97
C LEU A 220 -18.46 -11.84 7.22
N VAL A 221 -18.44 -12.99 7.89
CA VAL A 221 -17.89 -14.20 7.28
C VAL A 221 -18.63 -14.60 6.00
N PRO A 222 -19.97 -14.59 5.93
CA PRO A 222 -20.61 -14.98 4.66
C PRO A 222 -20.27 -14.09 3.48
N LEU A 223 -19.76 -12.88 3.72
CA LEU A 223 -19.37 -12.01 2.61
C LEU A 223 -18.16 -12.51 1.86
N LEU A 224 -17.51 -13.58 2.36
CA LEU A 224 -16.43 -14.22 1.62
C LEU A 224 -16.90 -14.78 0.28
N SER A 225 -18.20 -15.05 0.13
CA SER A 225 -18.76 -15.57 -1.10
C SER A 225 -19.73 -14.59 -1.75
N HIS A 226 -19.60 -13.30 -1.46
CA HIS A 226 -20.40 -12.28 -2.14
C HIS A 226 -20.10 -12.28 -3.63
N GLN A 227 -21.10 -11.88 -4.42
CA GLN A 227 -20.94 -11.88 -5.86
C GLN A 227 -19.84 -10.91 -6.31
N GLU A 228 -19.70 -9.79 -5.60
CA GLU A 228 -18.77 -8.74 -5.97
C GLU A 228 -17.38 -9.08 -5.41
N VAL A 229 -16.38 -9.13 -6.29
CA VAL A 229 -15.03 -9.47 -5.84
C VAL A 229 -14.47 -8.40 -4.91
N LYS A 230 -14.90 -7.15 -5.07
CA LYS A 230 -14.46 -6.08 -4.17
C LYS A 230 -14.91 -6.35 -2.74
N VAL A 231 -16.08 -6.97 -2.56
CA VAL A 231 -16.55 -7.32 -1.23
C VAL A 231 -15.78 -8.51 -0.68
N GLN A 232 -15.56 -9.53 -1.52
CA GLN A 232 -14.80 -10.71 -1.10
C GLN A 232 -13.42 -10.32 -0.63
N THR A 233 -12.77 -9.44 -1.38
CA THR A 233 -11.42 -9.04 -1.02
C THR A 233 -11.39 -8.33 0.32
N ALA A 234 -12.31 -7.42 0.54
CA ALA A 234 -12.32 -6.73 1.82
C ALA A 234 -12.68 -7.67 2.96
N ALA A 235 -13.60 -8.60 2.72
CA ALA A 235 -14.01 -9.51 3.77
C ALA A 235 -12.90 -10.50 4.12
N LEU A 236 -12.18 -10.99 3.11
CA LEU A 236 -11.05 -11.88 3.35
C LEU A 236 -9.97 -11.20 4.18
N ARG A 237 -9.76 -9.91 3.95
CA ARG A 237 -8.79 -9.16 4.75
C ARG A 237 -9.26 -9.01 6.19
N ALA A 238 -10.54 -8.68 6.39
CA ALA A 238 -11.06 -8.45 7.74
C ALA A 238 -11.02 -9.72 8.58
N VAL A 239 -11.52 -10.83 8.03
CA VAL A 239 -11.50 -12.08 8.80
C VAL A 239 -10.08 -12.60 8.92
N GLY A 240 -9.21 -12.29 7.95
CA GLY A 240 -7.83 -12.68 8.06
C GLY A 240 -7.12 -11.99 9.20
N ASN A 241 -7.46 -10.72 9.45
CA ASN A 241 -6.87 -10.01 10.58
C ASN A 241 -7.34 -10.60 11.91
N ILE A 242 -8.60 -11.01 11.99
CA ILE A 242 -9.13 -11.54 13.25
C ILE A 242 -8.39 -12.81 13.65
N VAL A 243 -8.09 -13.67 12.68
CA VAL A 243 -7.48 -14.97 12.98
C VAL A 243 -5.98 -14.82 13.21
N THR A 244 -5.49 -13.59 13.24
CA THR A 244 -4.15 -13.33 13.76
C THR A 244 -4.13 -13.21 15.28
N GLY A 245 -5.28 -13.27 15.92
CA GLY A 245 -5.38 -13.14 17.37
C GLY A 245 -5.21 -14.45 18.10
N THR A 246 -5.92 -14.59 19.22
CA THR A 246 -5.81 -15.76 20.07
C THR A 246 -6.55 -16.96 19.45
N ASP A 247 -6.31 -18.14 20.04
CA ASP A 247 -7.01 -19.35 19.59
C ASP A 247 -8.52 -19.20 19.76
N GLU A 248 -8.97 -18.53 20.83
CA GLU A 248 -10.39 -18.33 21.05
C GLU A 248 -10.98 -17.38 20.01
N GLN A 249 -10.31 -16.26 19.75
CA GLN A 249 -10.78 -15.34 18.73
C GLN A 249 -10.81 -16.01 17.37
N THR A 250 -9.82 -16.85 17.07
CA THR A 250 -9.80 -17.60 15.82
C THR A 250 -10.99 -18.56 15.74
N GLN A 251 -11.32 -19.20 16.86
CA GLN A 251 -12.41 -20.17 16.86
C GLN A 251 -13.76 -19.51 16.58
N VAL A 252 -13.92 -18.25 16.97
CA VAL A 252 -15.15 -17.52 16.64
C VAL A 252 -15.36 -17.48 15.13
N VAL A 253 -14.30 -17.17 14.38
CA VAL A 253 -14.39 -17.13 12.92
C VAL A 253 -14.67 -18.53 12.37
N LEU A 254 -14.00 -19.55 12.91
CA LEU A 254 -14.21 -20.91 12.42
C LEU A 254 -15.62 -21.40 12.68
N ASN A 255 -16.21 -21.03 13.83
CA ASN A 255 -17.56 -21.45 14.15
C ASN A 255 -18.62 -20.73 13.34
N CYS A 256 -18.24 -19.77 12.50
CA CYS A 256 -19.11 -19.18 11.51
C CYS A 256 -19.02 -19.87 10.16
N ASP A 257 -18.47 -21.08 10.11
CA ASP A 257 -18.32 -21.86 8.88
C ASP A 257 -17.43 -21.13 7.87
N ALA A 258 -16.36 -20.52 8.35
CA ALA A 258 -15.48 -19.73 7.49
C ALA A 258 -14.75 -20.61 6.49
N LEU A 259 -14.34 -21.82 6.92
CA LEU A 259 -13.50 -22.67 6.07
C LEU A 259 -14.24 -23.20 4.85
N SER A 260 -15.58 -23.23 4.89
CA SER A 260 -16.33 -23.71 3.73
C SER A 260 -16.22 -22.78 2.53
N HIS A 261 -15.83 -21.53 2.73
CA HIS A 261 -15.70 -20.58 1.64
C HIS A 261 -14.37 -20.68 0.91
N PHE A 262 -13.40 -21.42 1.44
CA PHE A 262 -12.02 -21.31 0.96
C PHE A 262 -11.65 -22.16 -0.24
N PRO A 263 -12.33 -23.29 -0.52
CA PRO A 263 -12.11 -23.94 -1.82
C PRO A 263 -12.27 -22.99 -3.00
N ALA A 264 -13.35 -22.19 -3.02
CA ALA A 264 -13.54 -21.21 -4.08
C ALA A 264 -12.53 -20.08 -4.03
N LEU A 265 -11.98 -19.78 -2.85
CA LEU A 265 -10.95 -18.73 -2.76
C LEU A 265 -9.60 -19.23 -3.22
N LEU A 266 -9.28 -20.52 -3.00
CA LEU A 266 -8.00 -21.07 -3.41
C LEU A 266 -7.94 -21.32 -4.92
N THR A 267 -9.08 -21.49 -5.58
CA THR A 267 -9.15 -21.66 -7.03
C THR A 267 -9.61 -20.41 -7.76
N HIS A 268 -9.79 -19.31 -7.03
CA HIS A 268 -10.28 -18.08 -7.63
C HIS A 268 -9.32 -17.60 -8.73
N PRO A 269 -9.85 -16.99 -9.79
CA PRO A 269 -8.96 -16.49 -10.86
C PRO A 269 -7.94 -15.46 -10.39
N LYS A 270 -8.25 -14.68 -9.36
CA LYS A 270 -7.36 -13.63 -8.91
C LYS A 270 -6.28 -14.21 -8.01
N GLU A 271 -5.02 -14.00 -8.39
CA GLU A 271 -3.90 -14.52 -7.60
C GLU A 271 -3.87 -13.91 -6.20
N LYS A 272 -4.24 -12.63 -6.08
CA LYS A 272 -4.18 -11.98 -4.78
C LYS A 272 -5.17 -12.60 -3.80
N ILE A 273 -6.32 -13.07 -4.29
CA ILE A 273 -7.25 -13.79 -3.43
C ILE A 273 -6.64 -15.12 -3.02
N ASN A 274 -6.00 -15.82 -3.97
CA ASN A 274 -5.29 -17.06 -3.63
C ASN A 274 -4.28 -16.82 -2.52
N LYS A 275 -3.48 -15.76 -2.64
CA LYS A 275 -2.39 -15.53 -1.70
C LYS A 275 -2.92 -15.21 -0.31
N GLU A 276 -3.90 -14.29 -0.22
CA GLU A 276 -4.44 -13.91 1.08
C GLU A 276 -5.30 -15.01 1.69
N ALA A 277 -5.86 -15.91 0.87
CA ALA A 277 -6.58 -17.04 1.42
C ALA A 277 -5.63 -18.04 2.06
N VAL A 278 -4.47 -18.28 1.43
CA VAL A 278 -3.47 -19.14 2.03
C VAL A 278 -2.85 -18.50 3.26
N TRP A 279 -2.71 -17.17 3.25
CA TRP A 279 -2.25 -16.47 4.44
C TRP A 279 -3.21 -16.69 5.60
N PHE A 280 -4.51 -16.56 5.34
CA PHE A 280 -5.52 -16.90 6.34
C PHE A 280 -5.30 -18.30 6.88
N LEU A 281 -5.16 -19.28 5.98
CA LEU A 281 -5.03 -20.67 6.41
C LEU A 281 -3.73 -20.92 7.17
N SER A 282 -2.66 -20.20 6.83
CA SER A 282 -1.41 -20.35 7.58
C SER A 282 -1.58 -19.93 9.03
N ASN A 283 -2.46 -18.97 9.31
CA ASN A 283 -2.74 -18.58 10.69
C ASN A 283 -3.68 -19.55 11.39
N ILE A 284 -4.42 -20.37 10.63
CA ILE A 284 -5.22 -21.44 11.25
C ILE A 284 -4.34 -22.62 11.61
N THR A 285 -3.39 -22.99 10.74
CA THR A 285 -2.46 -24.06 11.06
C THR A 285 -1.47 -23.69 12.14
N ALA A 286 -1.37 -22.40 12.49
CA ALA A 286 -0.60 -21.97 13.63
C ALA A 286 -1.41 -22.01 14.93
N GLY A 287 -2.69 -22.42 14.86
CA GLY A 287 -3.53 -22.54 16.02
C GLY A 287 -3.36 -23.87 16.74
N ASN A 288 -4.38 -24.28 17.50
CA ASN A 288 -4.30 -25.53 18.24
C ASN A 288 -4.58 -26.71 17.32
N GLN A 289 -4.52 -27.92 17.88
CA GLN A 289 -4.65 -29.12 17.06
C GLN A 289 -6.07 -29.31 16.54
N GLN A 290 -7.07 -28.76 17.23
CA GLN A 290 -8.44 -28.84 16.72
CA GLN A 290 -8.44 -28.84 16.71
C GLN A 290 -8.62 -27.97 15.49
N GLN A 291 -7.96 -26.81 15.46
CA GLN A 291 -8.05 -25.94 14.30
C GLN A 291 -7.24 -26.47 13.13
N VAL A 292 -6.13 -27.16 13.42
CA VAL A 292 -5.41 -27.88 12.37
C VAL A 292 -6.29 -28.97 11.78
N GLN A 293 -6.99 -29.72 12.64
CA GLN A 293 -7.87 -30.78 12.16
C GLN A 293 -9.03 -30.22 11.34
N ALA A 294 -9.50 -29.02 11.67
CA ALA A 294 -10.58 -28.42 10.89
C ALA A 294 -10.13 -28.11 9.46
N VAL A 295 -8.87 -27.70 9.29
CA VAL A 295 -8.34 -27.47 7.96
C VAL A 295 -8.28 -28.78 7.18
N ILE A 296 -7.86 -29.86 7.83
CA ILE A 296 -7.79 -31.18 7.19
C ILE A 296 -9.19 -31.65 6.81
N ASP A 297 -10.14 -31.53 7.73
CA ASP A 297 -11.50 -32.01 7.49
C ASP A 297 -12.19 -31.21 6.38
N ALA A 298 -11.79 -29.96 6.17
CA ALA A 298 -12.37 -29.13 5.12
C ALA A 298 -11.76 -29.40 3.75
N ASN A 299 -10.91 -30.42 3.63
CA ASN A 299 -10.31 -30.84 2.36
C ASN A 299 -9.44 -29.77 1.75
N LEU A 300 -8.76 -28.96 2.58
CA LEU A 300 -7.98 -27.84 2.09
C LEU A 300 -6.50 -28.16 1.90
N VAL A 301 -5.99 -29.22 2.53
CA VAL A 301 -4.55 -29.51 2.45
C VAL A 301 -4.11 -29.83 1.02
N PRO A 302 -4.79 -30.70 0.26
CA PRO A 302 -4.37 -30.90 -1.14
C PRO A 302 -4.39 -29.62 -1.98
N MET A 303 -5.33 -28.71 -1.70
CA MET A 303 -5.35 -27.44 -2.42
C MET A 303 -4.20 -26.53 -2.00
N ILE A 304 -3.81 -26.58 -0.73
CA ILE A 304 -2.63 -25.83 -0.27
C ILE A 304 -1.38 -26.36 -0.94
N ILE A 305 -1.23 -27.68 -0.98
CA ILE A 305 -0.03 -28.29 -1.56
C ILE A 305 0.02 -28.05 -3.07
N HIS A 306 -1.13 -28.00 -3.73
CA HIS A 306 -1.15 -27.66 -5.15
C HIS A 306 -0.60 -26.26 -5.40
N LEU A 307 -1.03 -25.29 -4.59
CA LEU A 307 -0.53 -23.93 -4.74
C LEU A 307 0.93 -23.81 -4.31
N LEU A 308 1.34 -24.63 -3.33
CA LEU A 308 2.76 -24.70 -2.98
C LEU A 308 3.60 -25.15 -4.17
N ASP A 309 3.03 -25.99 -5.03
CA ASP A 309 3.68 -26.53 -6.21
C ASP A 309 3.56 -25.62 -7.43
N LYS A 310 2.37 -25.09 -7.71
CA LYS A 310 2.09 -24.45 -9.00
C LYS A 310 1.67 -22.99 -8.92
N GLY A 311 1.54 -22.41 -7.72
CA GLY A 311 1.10 -21.03 -7.61
C GLY A 311 2.19 -20.02 -7.92
N ASP A 312 1.78 -18.75 -7.99
CA ASP A 312 2.75 -17.68 -8.07
C ASP A 312 3.58 -17.64 -6.79
N PHE A 313 4.74 -16.97 -6.86
CA PHE A 313 5.69 -17.05 -5.75
C PHE A 313 5.12 -16.45 -4.47
N GLY A 314 4.32 -15.40 -4.59
CA GLY A 314 3.69 -14.84 -3.40
C GLY A 314 2.80 -15.84 -2.70
N THR A 315 2.04 -16.62 -3.46
CA THR A 315 1.19 -17.66 -2.89
C THR A 315 2.03 -18.84 -2.38
N GLN A 316 3.12 -19.16 -3.05
CA GLN A 316 3.98 -20.26 -2.60
C GLN A 316 4.58 -19.96 -1.23
N LYS A 317 4.95 -18.71 -0.97
CA LYS A 317 5.50 -18.36 0.33
C LYS A 317 4.48 -18.58 1.45
N GLU A 318 3.26 -18.11 1.24
CA GLU A 318 2.21 -18.32 2.24
C GLU A 318 1.94 -19.81 2.44
N ALA A 319 2.00 -20.59 1.37
CA ALA A 319 1.78 -22.03 1.50
C ALA A 319 2.90 -22.69 2.29
N ALA A 320 4.14 -22.22 2.11
CA ALA A 320 5.24 -22.73 2.91
C ALA A 320 5.06 -22.41 4.38
N TRP A 321 4.61 -21.18 4.69
CA TRP A 321 4.26 -20.86 6.07
C TRP A 321 3.16 -21.79 6.59
N ALA A 322 2.13 -22.02 5.77
CA ALA A 322 1.02 -22.85 6.21
C ALA A 322 1.47 -24.27 6.54
N ILE A 323 2.36 -24.83 5.72
CA ILE A 323 2.86 -26.17 5.98
C ILE A 323 3.81 -26.17 7.18
N SER A 324 4.73 -25.20 7.22
CA SER A 324 5.69 -25.14 8.31
C SER A 324 5.00 -24.89 9.65
N ASN A 325 3.96 -24.05 9.66
CA ASN A 325 3.20 -23.82 10.89
C ASN A 325 2.56 -25.11 11.39
N LEU A 326 2.07 -25.94 10.47
CA LEU A 326 1.43 -27.20 10.85
C LEU A 326 2.43 -28.17 11.47
N THR A 327 3.69 -28.14 11.02
CA THR A 327 4.69 -29.03 11.59
C THR A 327 5.05 -28.67 13.03
N ILE A 328 4.77 -27.44 13.45
CA ILE A 328 5.04 -27.01 14.82
C ILE A 328 3.87 -27.33 15.73
N SER A 329 2.64 -27.10 15.26
CA SER A 329 1.45 -27.22 16.10
C SER A 329 0.75 -28.57 15.99
N GLY A 330 0.92 -29.29 14.89
CA GLY A 330 0.10 -30.46 14.65
C GLY A 330 0.52 -31.69 15.45
N ARG A 331 -0.39 -32.67 15.48
CA ARG A 331 -0.06 -33.99 15.99
C ARG A 331 0.80 -34.75 14.98
N LYS A 332 1.25 -35.94 15.40
CA LYS A 332 2.03 -36.78 14.49
C LYS A 332 1.17 -37.31 13.35
N ASP A 333 -0.07 -37.73 13.65
CA ASP A 333 -0.96 -38.20 12.59
C ASP A 333 -1.41 -37.08 11.66
N GLN A 334 -1.35 -35.83 12.10
CA GLN A 334 -1.66 -34.71 11.21
C GLN A 334 -0.48 -34.42 10.29
N VAL A 335 0.74 -34.53 10.80
CA VAL A 335 1.92 -34.38 9.95
C VAL A 335 2.05 -35.56 9.00
N ALA A 336 1.75 -36.78 9.49
CA ALA A 336 1.74 -37.94 8.62
C ALA A 336 0.73 -37.77 7.47
N TYR A 337 -0.37 -37.07 7.73
CA TYR A 337 -1.32 -36.79 6.66
C TYR A 337 -0.69 -35.92 5.58
N LEU A 338 0.17 -34.98 5.97
CA LEU A 338 0.89 -34.18 4.98
C LEU A 338 1.77 -35.04 4.10
N ILE A 339 2.48 -36.01 4.69
CA ILE A 339 3.36 -36.88 3.92
C ILE A 339 2.54 -37.73 2.95
N GLN A 340 1.40 -38.23 3.40
CA GLN A 340 0.52 -38.99 2.52
C GLN A 340 -0.01 -38.13 1.38
N GLN A 341 -0.18 -36.82 1.62
CA GLN A 341 -0.64 -35.90 0.59
C GLN A 341 0.48 -35.36 -0.28
N ASN A 342 1.68 -35.96 -0.19
CA ASN A 342 2.77 -35.69 -1.12
C ASN A 342 3.31 -34.26 -0.95
N VAL A 343 3.55 -33.86 0.29
CA VAL A 343 4.01 -32.50 0.56
C VAL A 343 5.51 -32.35 0.29
N ILE A 344 6.26 -33.45 0.37
CA ILE A 344 7.72 -33.34 0.43
C ILE A 344 8.32 -32.74 -0.84
N PRO A 345 7.99 -33.19 -2.04
CA PRO A 345 8.68 -32.65 -3.25
C PRO A 345 8.47 -31.16 -3.43
N PRO A 346 7.23 -30.65 -3.48
CA PRO A 346 7.08 -29.20 -3.71
C PRO A 346 7.56 -28.36 -2.54
N PHE A 347 7.54 -28.91 -1.33
CA PHE A 347 8.09 -28.21 -0.17
C PHE A 347 9.59 -28.01 -0.32
N CYS A 348 10.31 -29.08 -0.69
CA CYS A 348 11.76 -28.99 -0.84
C CYS A 348 12.16 -28.16 -2.06
N ASN A 349 11.29 -28.09 -3.08
CA ASN A 349 11.62 -27.35 -4.29
C ASN A 349 11.81 -25.86 -4.03
N LEU A 350 11.31 -25.34 -2.92
CA LEU A 350 11.46 -23.94 -2.57
C LEU A 350 12.79 -23.63 -1.90
N LEU A 351 13.64 -24.64 -1.67
CA LEU A 351 14.90 -24.41 -0.98
C LEU A 351 15.90 -23.59 -1.80
N THR A 352 15.64 -23.38 -3.08
CA THR A 352 16.59 -22.71 -3.97
C THR A 352 16.15 -21.29 -4.34
N VAL A 353 15.15 -20.73 -3.65
CA VAL A 353 14.70 -19.38 -3.97
C VAL A 353 15.61 -18.36 -3.29
N LYS A 354 15.56 -17.13 -3.78
CA LYS A 354 16.39 -16.06 -3.25
C LYS A 354 15.89 -15.52 -1.92
N ASP A 355 14.64 -15.78 -1.57
CA ASP A 355 14.07 -15.28 -0.32
C ASP A 355 14.63 -16.10 0.83
N ALA A 356 15.49 -15.47 1.64
CA ALA A 356 16.10 -16.15 2.78
C ALA A 356 15.07 -16.55 3.82
N GLN A 357 13.98 -15.78 3.96
CA GLN A 357 12.94 -16.13 4.93
C GLN A 357 12.22 -17.40 4.52
N VAL A 358 11.93 -17.56 3.23
CA VAL A 358 11.25 -18.76 2.75
C VAL A 358 12.11 -19.99 2.99
N VAL A 359 13.42 -19.89 2.69
CA VAL A 359 14.32 -21.02 2.88
C VAL A 359 14.36 -21.43 4.35
N GLN A 360 14.41 -20.44 5.25
CA GLN A 360 14.38 -20.73 6.68
C GLN A 360 13.09 -21.43 7.07
N VAL A 361 11.97 -20.97 6.50
CA VAL A 361 10.66 -21.55 6.82
C VAL A 361 10.61 -23.01 6.39
N VAL A 362 11.18 -23.33 5.22
CA VAL A 362 11.12 -24.70 4.73
C VAL A 362 12.07 -25.59 5.52
N LEU A 363 13.26 -25.09 5.86
CA LEU A 363 14.19 -25.87 6.66
C LEU A 363 13.62 -26.16 8.05
N ASP A 364 12.99 -25.18 8.68
CA ASP A 364 12.31 -25.40 9.96
C ASP A 364 11.27 -26.50 9.83
N GLY A 365 10.46 -26.45 8.77
CA GLY A 365 9.43 -27.46 8.59
C GLY A 365 9.99 -28.85 8.39
N LEU A 366 11.01 -28.99 7.53
CA LEU A 366 11.62 -30.29 7.30
C LEU A 366 12.22 -30.86 8.57
N SER A 367 12.90 -30.03 9.36
CA SER A 367 13.48 -30.50 10.61
C SER A 367 12.38 -30.96 11.57
N ASN A 368 11.29 -30.21 11.67
CA ASN A 368 10.18 -30.62 12.53
C ASN A 368 9.57 -31.93 12.07
N ILE A 369 9.45 -32.11 10.76
CA ILE A 369 8.86 -33.34 10.21
C ILE A 369 9.69 -34.55 10.61
N LEU A 370 11.02 -34.46 10.43
CA LEU A 370 11.88 -35.60 10.71
C LEU A 370 11.95 -35.90 12.20
N LYS A 371 11.86 -34.87 13.04
CA LYS A 371 11.96 -35.09 14.48
C LYS A 371 10.74 -35.84 15.03
N MET A 372 9.56 -35.63 14.43
CA MET A 372 8.34 -36.24 14.95
C MET A 372 8.01 -37.57 14.31
N ALA A 373 8.69 -37.94 13.22
CA ALA A 373 8.53 -39.27 12.63
C ALA A 373 9.54 -40.19 13.30
N GLU A 374 9.13 -40.73 14.46
CA GLU A 374 9.98 -41.57 15.29
C GLU A 374 10.65 -42.69 14.49
N ASP A 375 9.85 -43.59 13.95
CA ASP A 375 10.40 -44.71 13.18
C ASP A 375 10.42 -44.42 11.69
N GLU A 376 9.52 -43.58 11.20
CA GLU A 376 9.41 -43.29 9.78
C GLU A 376 10.34 -42.17 9.33
N ALA A 377 11.30 -41.78 10.16
CA ALA A 377 12.31 -40.81 9.73
C ALA A 377 13.16 -41.35 8.60
N GLU A 378 13.26 -42.67 8.46
CA GLU A 378 14.00 -43.25 7.35
C GLU A 378 13.22 -43.11 6.05
N THR A 379 11.93 -43.49 6.07
CA THR A 379 11.10 -43.36 4.88
C THR A 379 11.04 -41.92 4.40
N ILE A 380 10.87 -40.96 5.32
CA ILE A 380 10.80 -39.57 4.95
C ILE A 380 12.15 -39.07 4.47
N GLY A 381 13.23 -39.54 5.09
CA GLY A 381 14.56 -39.19 4.60
C GLY A 381 14.81 -39.65 3.18
N ASN A 382 14.27 -40.82 2.82
CA ASN A 382 14.37 -41.29 1.44
C ASN A 382 13.57 -40.40 0.51
N LEU A 383 12.36 -40.00 0.92
CA LEU A 383 11.55 -39.12 0.09
C LEU A 383 12.25 -37.78 -0.15
N ILE A 384 12.97 -37.29 0.86
CA ILE A 384 13.62 -35.98 0.73
C ILE A 384 14.78 -36.06 -0.26
N GLU A 385 15.51 -37.19 -0.29
CA GLU A 385 16.61 -37.29 -1.23
C GLU A 385 16.15 -37.66 -2.64
N GLU A 386 15.06 -38.44 -2.75
CA GLU A 386 14.59 -38.83 -4.08
C GLU A 386 14.15 -37.63 -4.90
N CYS A 387 13.61 -36.60 -4.26
CA CYS A 387 13.17 -35.40 -4.96
C CYS A 387 14.28 -34.37 -5.14
N GLY A 388 15.47 -34.64 -4.63
CA GLY A 388 16.56 -33.68 -4.70
C GLY A 388 16.68 -32.76 -3.51
N GLY A 389 15.85 -32.94 -2.48
CA GLY A 389 15.89 -32.05 -1.33
C GLY A 389 17.18 -32.16 -0.54
N LEU A 390 17.69 -33.39 -0.36
CA LEU A 390 18.93 -33.58 0.38
C LEU A 390 20.09 -32.85 -0.29
N GLU A 391 20.14 -32.89 -1.62
CA GLU A 391 21.19 -32.17 -2.35
C GLU A 391 21.09 -30.67 -2.09
N LYS A 392 19.87 -30.15 -1.97
CA LYS A 392 19.69 -28.72 -1.74
C LYS A 392 20.00 -28.34 -0.30
N ILE A 393 19.73 -29.23 0.65
CA ILE A 393 20.08 -28.95 2.04
C ILE A 393 21.59 -28.89 2.21
N GLU A 394 22.32 -29.78 1.52
CA GLU A 394 23.78 -29.80 1.65
C GLU A 394 24.42 -28.53 1.10
N GLN A 395 23.91 -28.03 -0.03
CA GLN A 395 24.46 -26.80 -0.58
C GLN A 395 24.05 -25.57 0.22
N LEU A 396 22.96 -25.65 1.00
CA LEU A 396 22.61 -24.57 1.89
C LEU A 396 23.55 -24.46 3.08
N GLN A 397 24.38 -25.49 3.31
CA GLN A 397 25.46 -25.36 4.30
C GLN A 397 26.44 -24.27 3.93
N ASN A 398 26.46 -23.85 2.66
CA ASN A 398 27.34 -22.79 2.18
C ASN A 398 26.61 -21.48 1.98
N HIS A 399 25.45 -21.30 2.62
CA HIS A 399 24.67 -20.08 2.47
C HIS A 399 25.27 -18.97 3.34
N GLU A 400 25.01 -17.72 2.94
CA GLU A 400 25.56 -16.56 3.63
C GLU A 400 24.84 -16.26 4.94
N ASN A 401 23.75 -16.95 5.24
CA ASN A 401 22.97 -16.73 6.44
C ASN A 401 23.32 -17.78 7.48
N GLU A 402 23.67 -17.32 8.70
CA GLU A 402 24.11 -18.25 9.73
C GLU A 402 22.96 -19.09 10.28
N ASP A 403 21.78 -18.49 10.43
CA ASP A 403 20.62 -19.26 10.86
C ASP A 403 20.30 -20.36 9.87
N ILE A 404 20.52 -20.11 8.58
CA ILE A 404 20.18 -21.09 7.56
C ILE A 404 21.20 -22.23 7.52
N TYR A 405 22.49 -21.89 7.46
CA TYR A 405 23.48 -22.96 7.27
C TYR A 405 23.69 -23.77 8.55
N LYS A 406 23.47 -23.17 9.72
CA LYS A 406 23.55 -23.94 10.95
C LYS A 406 22.44 -24.99 11.01
N LEU A 407 21.23 -24.62 10.57
CA LEU A 407 20.13 -25.59 10.54
C LEU A 407 20.35 -26.62 9.45
N ALA A 408 20.96 -26.24 8.33
CA ALA A 408 21.26 -27.21 7.29
C ALA A 408 22.22 -28.28 7.79
N TYR A 409 23.23 -27.89 8.57
CA TYR A 409 24.14 -28.87 9.16
C TYR A 409 23.42 -29.73 10.19
N GLU A 410 22.59 -29.12 11.04
CA GLU A 410 21.92 -29.87 12.09
C GLU A 410 20.98 -30.92 11.51
N ILE A 411 20.33 -30.61 10.39
CA ILE A 411 19.44 -31.58 9.75
C ILE A 411 20.23 -32.77 9.23
N ILE A 412 21.37 -32.51 8.61
CA ILE A 412 22.18 -33.60 8.05
C ILE A 412 22.84 -34.40 9.15
N ASP A 413 23.32 -33.72 10.20
CA ASP A 413 23.93 -34.42 11.33
C ASP A 413 22.95 -35.37 11.99
N GLN A 414 21.72 -34.90 12.22
CA GLN A 414 20.73 -35.65 12.99
C GLN A 414 20.05 -36.75 12.17
N PHE A 415 19.83 -36.53 10.87
CA PHE A 415 19.02 -37.45 10.08
C PHE A 415 19.67 -37.99 8.83
N PHE A 416 20.86 -37.52 8.46
CA PHE A 416 21.54 -38.05 7.28
C PHE A 416 23.03 -38.27 7.55
N THR B 2 10.64 -7.27 38.59
CA THR B 2 11.99 -7.08 39.10
C THR B 2 13.03 -7.62 38.13
N SER B 3 12.63 -8.60 37.33
CA SER B 3 13.53 -9.13 36.29
C SER B 3 13.95 -8.01 35.35
N LEU B 4 13.00 -7.24 34.83
CA LEU B 4 13.33 -6.07 34.04
C LEU B 4 14.08 -5.04 34.87
N GLU B 5 13.66 -4.83 36.11
CA GLU B 5 14.32 -3.85 36.98
C GLU B 5 15.77 -4.26 37.27
N ALA B 6 15.99 -5.55 37.55
CA ALA B 6 17.35 -6.00 37.82
C ALA B 6 18.23 -5.87 36.58
N ILE B 7 17.69 -6.15 35.40
CA ILE B 7 18.45 -6.01 34.15
C ILE B 7 18.88 -4.55 33.97
N VAL B 8 17.98 -3.61 34.28
CA VAL B 8 18.32 -2.20 34.16
C VAL B 8 19.41 -1.81 35.15
N GLN B 9 19.29 -2.28 36.39
CA GLN B 9 20.33 -1.99 37.39
C GLN B 9 21.67 -2.59 36.99
N ASN B 10 21.66 -3.84 36.52
CA ASN B 10 22.90 -4.50 36.14
C ASN B 10 23.53 -3.88 34.89
N ALA B 11 22.73 -3.21 34.06
CA ALA B 11 23.27 -2.56 32.87
C ALA B 11 24.20 -1.41 33.21
N SER B 12 24.19 -0.93 34.45
CA SER B 12 25.09 0.12 34.90
C SER B 12 26.17 -0.41 35.84
N SER B 13 26.37 -1.72 35.88
CA SER B 13 27.33 -2.33 36.79
C SER B 13 28.76 -1.95 36.44
N ASP B 14 29.59 -1.82 37.46
CA ASP B 14 31.02 -1.66 37.25
C ASP B 14 31.67 -2.95 36.77
N ASN B 15 31.09 -4.09 37.13
CA ASN B 15 31.57 -5.38 36.64
C ASN B 15 31.20 -5.53 35.16
N GLN B 16 32.23 -5.63 34.30
CA GLN B 16 31.98 -5.63 32.87
C GLN B 16 31.22 -6.88 32.43
N GLY B 17 31.52 -8.03 33.06
CA GLY B 17 30.79 -9.24 32.75
C GLY B 17 29.31 -9.12 33.07
N ILE B 18 28.99 -8.46 34.18
CA ILE B 18 27.59 -8.26 34.57
C ILE B 18 26.91 -7.27 33.64
N GLN B 19 27.61 -6.19 33.29
CA GLN B 19 27.04 -5.16 32.42
C GLN B 19 26.74 -5.73 31.04
N LEU B 20 27.70 -6.45 30.46
CA LEU B 20 27.49 -7.03 29.13
C LEU B 20 26.35 -8.04 29.16
N SER B 21 26.27 -8.85 30.21
CA SER B 21 25.20 -9.85 30.30
C SER B 21 23.83 -9.19 30.41
N ALA B 22 23.75 -8.05 31.10
CA ALA B 22 22.46 -7.37 31.27
C ALA B 22 22.01 -6.74 29.96
N VAL B 23 22.91 -6.10 29.23
CA VAL B 23 22.53 -5.48 27.96
C VAL B 23 22.12 -6.55 26.96
N GLN B 24 22.82 -7.70 26.96
CA GLN B 24 22.41 -8.82 26.11
C GLN B 24 21.03 -9.32 26.48
N ALA B 25 20.74 -9.41 27.78
CA ALA B 25 19.43 -9.87 28.21
C ALA B 25 18.33 -8.91 27.77
N ALA B 26 18.62 -7.61 27.78
CA ALA B 26 17.69 -6.63 27.23
C ALA B 26 17.52 -6.81 25.73
N ARG B 27 18.64 -6.95 25.01
CA ARG B 27 18.59 -7.14 23.57
C ARG B 27 17.76 -8.37 23.20
N LYS B 28 17.96 -9.47 23.94
CA LYS B 28 17.26 -10.71 23.61
C LYS B 28 15.77 -10.61 23.90
N LEU B 29 15.37 -9.84 24.90
CA LEU B 29 13.95 -9.56 25.08
C LEU B 29 13.36 -8.89 23.84
N LEU B 30 14.16 -8.10 23.13
CA LEU B 30 13.70 -7.36 21.96
C LEU B 30 13.90 -8.11 20.65
N SER B 31 14.55 -9.29 20.68
CA SER B 31 14.87 -10.00 19.45
C SER B 31 14.48 -11.48 19.47
N SER B 32 13.99 -11.99 20.59
CA SER B 32 13.72 -13.43 20.70
C SER B 32 12.45 -13.85 19.98
N ASP B 33 11.49 -12.94 19.76
CA ASP B 33 10.28 -13.29 19.05
C ASP B 33 9.81 -12.08 18.24
N ARG B 34 8.70 -12.25 17.54
CA ARG B 34 8.15 -11.20 16.69
C ARG B 34 7.08 -10.37 17.39
N ASN B 35 7.15 -10.26 18.72
CA ASN B 35 6.31 -9.33 19.47
C ASN B 35 7.07 -8.88 20.70
N PRO B 36 8.10 -8.05 20.52
CA PRO B 36 8.96 -7.70 21.65
C PRO B 36 8.24 -6.76 22.60
N PRO B 37 8.60 -6.80 23.90
CA PRO B 37 7.98 -5.90 24.91
C PRO B 37 8.69 -4.55 24.99
N ILE B 38 8.52 -3.74 23.96
CA ILE B 38 9.27 -2.51 23.83
C ILE B 38 8.85 -1.50 24.88
N ASP B 39 7.54 -1.35 25.09
CA ASP B 39 7.05 -0.34 26.05
C ASP B 39 7.52 -0.65 27.46
N ASP B 40 7.55 -1.93 27.84
CA ASP B 40 8.02 -2.30 29.17
C ASP B 40 9.47 -1.86 29.38
N LEU B 41 10.31 -2.03 28.36
CA LEU B 41 11.73 -1.69 28.50
C LEU B 41 11.94 -0.19 28.55
N ILE B 42 11.15 0.57 27.79
CA ILE B 42 11.25 2.04 27.83
C ILE B 42 10.87 2.54 29.22
N LYS B 43 9.76 2.04 29.77
CA LYS B 43 9.30 2.50 31.07
C LYS B 43 10.24 2.06 32.19
N SER B 44 10.98 0.97 31.98
CA SER B 44 11.93 0.52 32.99
C SER B 44 13.08 1.49 33.16
N GLY B 45 13.30 2.41 32.22
CA GLY B 45 14.38 3.36 32.30
C GLY B 45 15.67 2.93 31.64
N ILE B 46 15.61 2.00 30.69
CA ILE B 46 16.83 1.46 30.10
C ILE B 46 17.37 2.29 28.93
N LEU B 47 16.57 3.18 28.36
CA LEU B 47 17.02 3.96 27.21
C LEU B 47 18.27 4.78 27.48
N PRO B 48 18.34 5.62 28.53
CA PRO B 48 19.56 6.40 28.73
C PRO B 48 20.78 5.55 29.01
N ILE B 49 20.61 4.35 29.55
CA ILE B 49 21.75 3.47 29.79
C ILE B 49 22.26 2.89 28.47
N LEU B 50 21.35 2.56 27.55
CA LEU B 50 21.76 2.01 26.26
C LEU B 50 22.48 3.06 25.42
N VAL B 51 21.87 4.23 25.28
CA VAL B 51 22.52 5.36 24.58
C VAL B 51 23.88 5.63 25.17
N HIS B 52 24.02 5.40 26.46
CA HIS B 52 25.27 5.63 27.16
C HIS B 52 26.32 4.58 26.82
N CYS B 53 25.91 3.32 26.60
CA CYS B 53 26.88 2.29 26.20
C CYS B 53 27.41 2.53 24.79
N LEU B 54 26.70 3.32 23.98
CA LEU B 54 27.18 3.67 22.65
C LEU B 54 28.47 4.46 22.67
N GLU B 55 28.75 5.17 23.76
CA GLU B 55 29.98 5.95 23.89
C GLU B 55 31.16 5.13 24.39
N ARG B 56 30.93 3.89 24.82
CA ARG B 56 31.98 3.04 25.38
C ARG B 56 32.86 2.49 24.26
N ASP B 57 33.69 3.37 23.70
CA ASP B 57 34.67 2.93 22.72
C ASP B 57 35.64 1.91 23.30
N ASP B 58 35.80 1.89 24.63
CA ASP B 58 36.67 0.93 25.29
C ASP B 58 36.09 -0.48 25.34
N ASN B 59 34.82 -0.65 24.98
CA ASN B 59 34.19 -1.97 24.95
C ASN B 59 33.34 -2.10 23.69
N PRO B 60 33.93 -2.56 22.59
CA PRO B 60 33.14 -2.72 21.36
C PRO B 60 32.01 -3.73 21.48
N SER B 61 32.21 -4.81 22.24
CA SER B 61 31.15 -5.80 22.43
C SER B 61 29.92 -5.17 23.06
N LEU B 62 30.12 -4.27 24.03
CA LEU B 62 28.99 -3.59 24.67
C LEU B 62 28.34 -2.60 23.72
N GLN B 63 29.14 -1.87 22.94
CA GLN B 63 28.59 -0.96 21.94
C GLN B 63 27.69 -1.69 20.97
N PHE B 64 28.14 -2.85 20.48
CA PHE B 64 27.38 -3.61 19.50
C PHE B 64 26.04 -4.06 20.08
N GLU B 65 26.04 -4.55 21.31
CA GLU B 65 24.81 -5.06 21.92
C GLU B 65 23.82 -3.94 22.20
N ALA B 66 24.31 -2.78 22.66
CA ALA B 66 23.42 -1.66 22.90
C ALA B 66 22.85 -1.11 21.59
N ALA B 67 23.66 -1.08 20.53
CA ALA B 67 23.17 -0.64 19.24
C ALA B 67 22.10 -1.59 18.70
N TRP B 68 22.29 -2.90 18.93
CA TRP B 68 21.28 -3.88 18.54
C TRP B 68 19.99 -3.66 19.32
N ALA B 69 20.09 -3.47 20.64
CA ALA B 69 18.90 -3.24 21.44
C ALA B 69 18.17 -1.97 21.02
N LEU B 70 18.92 -0.89 20.76
CA LEU B 70 18.29 0.36 20.32
C LEU B 70 17.71 0.24 18.92
N THR B 71 18.33 -0.59 18.06
CA THR B 71 17.78 -0.82 16.72
C THR B 71 16.37 -1.38 16.80
N ASN B 72 16.13 -2.33 17.70
CA ASN B 72 14.83 -2.97 17.77
C ASN B 72 13.79 -2.09 18.46
N ILE B 73 14.21 -1.24 19.39
CA ILE B 73 13.29 -0.26 19.96
C ILE B 73 12.85 0.73 18.89
N ALA B 74 13.79 1.17 18.04
CA ALA B 74 13.47 2.10 16.97
C ALA B 74 12.65 1.46 15.86
N SER B 75 12.53 0.14 15.84
CA SER B 75 11.74 -0.55 14.81
C SER B 75 10.27 -0.63 15.14
N GLY B 76 9.84 -0.13 16.30
CA GLY B 76 8.45 -0.20 16.73
C GLY B 76 7.61 0.94 16.22
N THR B 77 6.66 1.37 17.05
CA THR B 77 5.75 2.44 16.71
C THR B 77 6.52 3.76 16.58
N SER B 78 5.82 4.79 16.07
CA SER B 78 6.43 6.11 15.96
C SER B 78 6.81 6.65 17.33
N GLU B 79 5.97 6.41 18.34
CA GLU B 79 6.28 6.87 19.68
C GLU B 79 7.52 6.17 20.24
N GLN B 80 7.70 4.90 19.90
CA GLN B 80 8.89 4.18 20.36
C GLN B 80 10.13 4.62 19.60
N THR B 81 10.02 4.79 18.28
CA THR B 81 11.12 5.38 17.52
C THR B 81 11.45 6.78 18.04
N GLN B 82 10.42 7.56 18.38
CA GLN B 82 10.63 8.92 18.88
C GLN B 82 11.35 8.93 20.22
N ALA B 83 11.12 7.91 21.06
CA ALA B 83 11.82 7.84 22.33
C ALA B 83 13.32 7.63 22.14
N VAL B 84 13.72 6.87 21.11
CA VAL B 84 15.14 6.73 20.81
C VAL B 84 15.72 8.06 20.34
N VAL B 85 14.97 8.79 19.52
CA VAL B 85 15.40 10.12 19.07
C VAL B 85 15.57 11.05 20.27
N GLN B 86 14.58 11.07 21.17
CA GLN B 86 14.63 11.99 22.30
C GLN B 86 15.75 11.63 23.29
N SER B 87 16.22 10.39 23.26
CA SER B 87 17.36 10.01 24.09
C SER B 87 18.69 10.50 23.54
N ASN B 88 18.68 11.24 22.42
CA ASN B 88 19.89 11.78 21.80
C ASN B 88 20.83 10.68 21.33
N ALA B 89 20.26 9.62 20.76
CA ALA B 89 21.07 8.50 20.28
C ALA B 89 21.62 8.75 18.88
N VAL B 90 20.96 9.60 18.09
CA VAL B 90 21.36 9.76 16.68
C VAL B 90 22.77 10.32 16.54
N PRO B 91 23.19 11.36 17.27
CA PRO B 91 24.58 11.82 17.14
C PRO B 91 25.61 10.74 17.48
N LEU B 92 25.30 9.84 18.43
CA LEU B 92 26.21 8.75 18.76
C LEU B 92 26.19 7.66 17.69
N PHE B 93 25.04 7.39 17.08
CA PHE B 93 25.01 6.47 15.95
C PHE B 93 25.85 7.00 14.79
N LEU B 94 25.78 8.31 14.55
CA LEU B 94 26.59 8.89 13.47
C LEU B 94 28.07 8.81 13.80
N ARG B 95 28.43 8.92 15.08
CA ARG B 95 29.81 8.67 15.50
C ARG B 95 30.25 7.26 15.11
N LEU B 96 29.39 6.27 15.37
CA LEU B 96 29.77 4.88 15.21
C LEU B 96 29.84 4.43 13.75
N LEU B 97 29.39 5.26 12.81
CA LEU B 97 29.63 4.98 11.40
C LEU B 97 31.12 4.94 11.08
N HIS B 98 31.94 5.56 11.90
CA HIS B 98 33.39 5.58 11.73
C HIS B 98 34.11 4.70 12.74
N SER B 99 33.38 3.84 13.45
CA SER B 99 34.02 2.88 14.34
C SER B 99 34.99 1.99 13.57
N PRO B 100 36.12 1.60 14.15
CA PRO B 100 36.98 0.62 13.48
C PRO B 100 36.39 -0.77 13.44
N HIS B 101 35.35 -1.03 14.23
CA HIS B 101 34.75 -2.36 14.32
C HIS B 101 33.57 -2.45 13.37
N GLN B 102 33.63 -3.42 12.46
CA GLN B 102 32.67 -3.49 11.36
C GLN B 102 31.25 -3.79 11.86
N ASN B 103 31.11 -4.64 12.87
CA ASN B 103 29.79 -4.98 13.37
C ASN B 103 29.13 -3.81 14.09
N VAL B 104 29.92 -2.96 14.75
CA VAL B 104 29.37 -1.76 15.38
C VAL B 104 28.91 -0.78 14.31
N CYS B 105 29.74 -0.57 13.29
CA CYS B 105 29.39 0.36 12.22
CA CYS B 105 29.39 0.35 12.20
C CYS B 105 28.10 -0.06 11.51
N GLU B 106 27.98 -1.35 11.19
CA GLU B 106 26.80 -1.79 10.45
C GLU B 106 25.54 -1.70 11.29
N GLN B 107 25.63 -2.04 12.58
CA GLN B 107 24.43 -1.96 13.42
C GLN B 107 23.96 -0.52 13.59
N ALA B 108 24.89 0.43 13.58
CA ALA B 108 24.50 1.83 13.65
C ALA B 108 23.77 2.28 12.38
N VAL B 109 24.22 1.80 11.22
CA VAL B 109 23.49 2.03 9.97
C VAL B 109 22.07 1.47 10.08
N TRP B 110 21.96 0.24 10.60
CA TRP B 110 20.65 -0.39 10.76
C TRP B 110 19.73 0.44 11.65
N ALA B 111 20.25 0.93 12.77
CA ALA B 111 19.44 1.73 13.68
C ALA B 111 19.00 3.02 13.03
N LEU B 112 19.92 3.71 12.35
CA LEU B 112 19.58 4.96 11.68
C LEU B 112 18.53 4.73 10.59
N GLY B 113 18.57 3.58 9.92
CA GLY B 113 17.57 3.29 8.91
C GLY B 113 16.16 3.21 9.48
N ASN B 114 16.03 2.64 10.68
CA ASN B 114 14.71 2.55 11.31
C ASN B 114 14.18 3.94 11.69
N ILE B 115 15.06 4.81 12.19
CA ILE B 115 14.66 6.17 12.52
C ILE B 115 14.27 6.93 11.25
N ILE B 116 15.08 6.80 10.19
CA ILE B 116 14.77 7.47 8.93
C ILE B 116 13.45 6.94 8.35
N GLY B 117 13.20 5.65 8.51
CA GLY B 117 11.97 5.06 7.97
C GLY B 117 10.70 5.44 8.71
N ASP B 118 10.81 6.19 9.81
CA ASP B 118 9.63 6.56 10.58
C ASP B 118 8.76 7.57 9.84
N GLY B 119 9.38 8.53 9.16
CA GLY B 119 8.64 9.55 8.46
C GLY B 119 9.53 10.68 7.98
N PRO B 120 8.95 11.65 7.29
CA PRO B 120 9.78 12.73 6.71
C PRO B 120 10.46 13.59 7.75
N GLN B 121 9.87 13.75 8.93
CA GLN B 121 10.47 14.68 9.90
C GLN B 121 11.66 14.04 10.60
N CYS B 122 11.57 12.75 10.93
CA CYS B 122 12.74 12.04 11.44
C CYS B 122 13.81 11.87 10.37
N ARG B 123 13.38 11.64 9.12
CA ARG B 123 14.32 11.59 8.01
C ARG B 123 15.11 12.89 7.89
N ASP B 124 14.42 14.03 7.94
CA ASP B 124 15.09 15.31 7.77
C ASP B 124 15.96 15.68 8.96
N TYR B 125 15.60 15.20 10.16
CA TYR B 125 16.46 15.41 11.32
C TYR B 125 17.79 14.68 11.16
N VAL B 126 17.74 13.41 10.74
CA VAL B 126 18.98 12.65 10.55
C VAL B 126 19.78 13.20 9.37
N ILE B 127 19.08 13.63 8.30
CA ILE B 127 19.76 14.29 7.18
C ILE B 127 20.46 15.56 7.66
N SER B 128 19.79 16.36 8.50
CA SER B 128 20.38 17.61 8.96
C SER B 128 21.68 17.38 9.72
N LEU B 129 21.82 16.24 10.39
CA LEU B 129 23.03 15.94 11.11
C LEU B 129 24.14 15.35 10.23
N GLY B 130 23.84 15.06 8.97
CA GLY B 130 24.91 14.72 8.03
C GLY B 130 25.08 13.24 7.75
N VAL B 131 23.97 12.50 7.68
CA VAL B 131 24.07 11.05 7.53
C VAL B 131 24.41 10.63 6.10
N VAL B 132 24.03 11.43 5.10
CA VAL B 132 24.02 10.92 3.73
C VAL B 132 25.43 10.68 3.21
N LYS B 133 26.33 11.63 3.43
CA LYS B 133 27.68 11.49 2.87
C LYS B 133 28.43 10.29 3.45
N PRO B 134 28.55 10.11 4.77
CA PRO B 134 29.23 8.89 5.26
C PRO B 134 28.49 7.61 4.92
N LEU B 135 27.16 7.67 4.76
CA LEU B 135 26.42 6.48 4.34
C LEU B 135 26.85 6.04 2.94
N LEU B 136 26.86 6.98 1.99
CA LEU B 136 27.25 6.62 0.62
C LEU B 136 28.73 6.29 0.50
N SER B 137 29.56 6.75 1.45
CA SER B 137 30.98 6.40 1.42
C SER B 137 31.22 4.92 1.65
N PHE B 138 30.24 4.19 2.20
CA PHE B 138 30.40 2.75 2.38
C PHE B 138 30.38 1.99 1.06
N ILE B 139 29.77 2.56 0.03
CA ILE B 139 29.71 1.91 -1.28
C ILE B 139 31.13 1.87 -1.85
N SER B 140 31.69 0.67 -1.93
CA SER B 140 33.07 0.47 -2.36
C SER B 140 33.17 -0.93 -2.95
N PRO B 141 34.25 -1.22 -3.66
CA PRO B 141 34.41 -2.58 -4.21
C PRO B 141 34.52 -3.66 -3.14
N SER B 142 34.97 -3.33 -1.93
CA SER B 142 35.28 -4.32 -0.91
C SER B 142 34.17 -4.49 0.12
N ILE B 143 33.09 -3.72 0.04
CA ILE B 143 32.06 -3.82 1.08
C ILE B 143 31.41 -5.19 1.02
N PRO B 144 31.17 -5.84 2.16
CA PRO B 144 30.46 -7.12 2.14
C PRO B 144 29.03 -6.95 1.65
N ILE B 145 28.51 -8.00 1.02
CA ILE B 145 27.21 -7.89 0.35
C ILE B 145 26.09 -7.75 1.38
N THR B 146 26.21 -8.40 2.53
CA THR B 146 25.22 -8.24 3.59
C THR B 146 25.17 -6.79 4.06
N PHE B 147 26.34 -6.17 4.21
CA PHE B 147 26.39 -4.76 4.62
C PHE B 147 25.78 -3.85 3.55
N LEU B 148 26.11 -4.10 2.28
CA LEU B 148 25.61 -3.24 1.21
C LEU B 148 24.09 -3.32 1.08
N ARG B 149 23.49 -4.47 1.36
CA ARG B 149 22.04 -4.57 1.31
C ARG B 149 21.39 -3.69 2.38
N ASN B 150 22.03 -3.58 3.54
CA ASN B 150 21.53 -2.67 4.57
C ASN B 150 21.74 -1.21 4.19
N VAL B 151 22.82 -0.91 3.47
CA VAL B 151 23.06 0.46 3.03
C VAL B 151 22.02 0.89 2.01
N THR B 152 21.71 0.03 1.04
CA THR B 152 20.70 0.38 0.05
C THR B 152 19.30 0.44 0.65
N TRP B 153 19.06 -0.34 1.71
CA TRP B 153 17.78 -0.25 2.41
C TRP B 153 17.60 1.11 3.08
N VAL B 154 18.67 1.65 3.66
CA VAL B 154 18.59 3.00 4.23
C VAL B 154 18.40 4.04 3.13
N MET B 155 19.05 3.84 1.97
CA MET B 155 18.86 4.74 0.85
C MET B 155 17.40 4.77 0.39
N VAL B 156 16.75 3.61 0.36
CA VAL B 156 15.33 3.55 0.04
C VAL B 156 14.53 4.37 1.05
N ASN B 157 14.84 4.22 2.34
CA ASN B 157 14.11 4.96 3.36
C ASN B 157 14.34 6.47 3.25
N LEU B 158 15.51 6.88 2.74
CA LEU B 158 15.78 8.31 2.55
C LEU B 158 14.96 8.91 1.42
N CYS B 159 14.50 8.08 0.46
CA CYS B 159 13.77 8.52 -0.72
C CYS B 159 12.26 8.36 -0.62
N ARG B 160 11.75 7.63 0.39
CA ARG B 160 10.41 7.05 0.31
C ARG B 160 9.25 7.94 0.78
N HIS B 161 9.48 9.01 1.51
CA HIS B 161 8.39 9.87 1.98
C HIS B 161 8.27 11.10 1.09
N LYS B 162 7.07 11.36 0.56
CA LYS B 162 6.90 12.43 -0.42
C LYS B 162 6.22 13.68 0.14
N ASP B 163 6.03 13.76 1.46
CA ASP B 163 5.25 14.84 2.07
C ASP B 163 6.01 15.40 3.27
N PRO B 164 7.06 16.20 3.02
CA PRO B 164 7.59 16.55 1.72
C PRO B 164 8.64 15.54 1.23
N PRO B 165 9.10 15.64 -0.01
CA PRO B 165 10.23 14.83 -0.45
C PRO B 165 11.50 15.24 0.29
N PRO B 166 12.55 14.43 0.25
CA PRO B 166 13.82 14.84 0.85
C PRO B 166 14.35 16.09 0.16
N PRO B 167 15.22 16.84 0.83
CA PRO B 167 15.77 18.06 0.21
C PRO B 167 16.49 17.76 -1.08
N MET B 168 16.54 18.77 -1.96
CA MET B 168 17.14 18.60 -3.28
C MET B 168 18.62 18.23 -3.17
N GLU B 169 19.32 18.80 -2.19
CA GLU B 169 20.74 18.47 -2.01
C GLU B 169 20.91 16.99 -1.69
N THR B 170 20.00 16.42 -0.89
CA THR B 170 20.08 15.00 -0.58
C THR B 170 19.83 14.15 -1.82
N ILE B 171 18.84 14.53 -2.65
CA ILE B 171 18.56 13.80 -3.87
C ILE B 171 19.77 13.87 -4.82
N GLN B 172 20.43 15.02 -4.88
CA GLN B 172 21.60 15.16 -5.74
C GLN B 172 22.80 14.38 -5.23
N GLU B 173 22.84 14.05 -3.94
CA GLU B 173 23.86 13.15 -3.43
C GLU B 173 23.50 11.69 -3.70
N ILE B 174 22.22 11.36 -3.61
CA ILE B 174 21.79 9.96 -3.71
C ILE B 174 21.85 9.47 -5.14
N LEU B 175 21.52 10.33 -6.10
CA LEU B 175 21.41 9.89 -7.50
C LEU B 175 22.73 9.36 -8.07
N PRO B 176 23.89 9.98 -7.86
CA PRO B 176 25.14 9.35 -8.34
C PRO B 176 25.37 7.97 -7.74
N ALA B 177 24.94 7.75 -6.49
CA ALA B 177 25.09 6.43 -5.89
C ALA B 177 24.18 5.42 -6.57
N LEU B 178 22.95 5.82 -6.91
CA LEU B 178 22.05 4.93 -7.63
C LEU B 178 22.56 4.61 -9.03
N CYS B 179 23.26 5.55 -9.67
CA CYS B 179 23.85 5.27 -10.97
C CYS B 179 24.91 4.18 -10.87
N VAL B 180 25.64 4.11 -9.76
CA VAL B 180 26.62 3.04 -9.57
C VAL B 180 25.92 1.73 -9.27
N LEU B 181 24.91 1.77 -8.39
CA LEU B 181 24.27 0.54 -7.90
C LEU B 181 23.37 -0.13 -8.93
N ILE B 182 22.87 0.60 -9.93
CA ILE B 182 21.97 0.01 -10.91
C ILE B 182 22.70 -0.97 -11.83
N HIS B 183 24.02 -1.02 -11.77
CA HIS B 183 24.81 -2.00 -12.52
C HIS B 183 25.22 -3.19 -11.66
N HIS B 184 24.74 -3.26 -10.43
CA HIS B 184 25.09 -4.37 -9.55
C HIS B 184 24.37 -5.65 -9.99
N THR B 185 25.04 -6.78 -9.80
CA THR B 185 24.49 -8.08 -10.18
C THR B 185 23.70 -8.74 -9.06
N ASP B 186 23.80 -8.25 -7.83
CA ASP B 186 22.98 -8.79 -6.75
C ASP B 186 21.55 -8.32 -6.92
N VAL B 187 20.60 -9.27 -6.82
CA VAL B 187 19.20 -8.96 -7.13
C VAL B 187 18.61 -8.02 -6.09
N ASN B 188 18.86 -8.29 -4.80
CA ASN B 188 18.27 -7.47 -3.74
C ASN B 188 18.76 -6.03 -3.80
N ILE B 189 20.04 -5.83 -4.11
CA ILE B 189 20.56 -4.47 -4.26
C ILE B 189 19.92 -3.80 -5.47
N LEU B 190 19.76 -4.55 -6.57
CA LEU B 190 19.14 -3.99 -7.75
C LEU B 190 17.68 -3.65 -7.50
N VAL B 191 16.97 -4.50 -6.75
CA VAL B 191 15.57 -4.24 -6.42
C VAL B 191 15.45 -2.97 -5.58
N ASP B 192 16.28 -2.86 -4.54
CA ASP B 192 16.26 -1.66 -3.70
C ASP B 192 16.61 -0.42 -4.50
N THR B 193 17.62 -0.52 -5.37
CA THR B 193 18.04 0.63 -6.16
C THR B 193 16.90 1.16 -7.03
N VAL B 194 16.17 0.25 -7.67
CA VAL B 194 15.10 0.67 -8.58
C VAL B 194 13.88 1.17 -7.81
N TRP B 195 13.57 0.56 -6.66
CA TRP B 195 12.48 1.08 -5.84
C TRP B 195 12.81 2.48 -5.33
N ALA B 196 14.08 2.71 -4.99
CA ALA B 196 14.50 4.06 -4.61
C ALA B 196 14.24 5.05 -5.73
N LEU B 197 14.56 4.67 -6.97
CA LEU B 197 14.25 5.53 -8.12
C LEU B 197 12.75 5.73 -8.27
N SER B 198 11.95 4.69 -8.03
CA SER B 198 10.51 4.82 -8.15
C SER B 198 9.95 5.83 -7.17
N TYR B 199 10.52 5.91 -5.97
CA TYR B 199 10.08 6.92 -5.01
C TYR B 199 10.50 8.32 -5.46
N LEU B 200 11.68 8.44 -6.06
CA LEU B 200 12.15 9.75 -6.50
C LEU B 200 11.37 10.26 -7.71
N THR B 201 10.94 9.35 -8.59
CA THR B 201 10.16 9.75 -9.76
C THR B 201 8.68 9.95 -9.45
N ASP B 202 8.23 9.57 -8.26
CA ASP B 202 6.88 9.81 -7.82
C ASP B 202 6.73 11.13 -7.06
N ALA B 203 7.78 11.97 -7.08
CA ALA B 203 7.85 13.16 -6.23
C ALA B 203 7.59 14.45 -6.99
N GLY B 204 7.17 14.37 -8.25
CA GLY B 204 6.89 15.55 -9.05
C GLY B 204 7.81 15.67 -10.24
N ASN B 205 7.48 16.63 -11.10
CA ASN B 205 8.16 16.76 -12.39
C ASN B 205 9.58 17.28 -12.25
N GLU B 206 9.86 18.10 -11.25
CA GLU B 206 11.23 18.59 -11.07
C GLU B 206 12.16 17.48 -10.62
N GLN B 207 11.69 16.61 -9.72
CA GLN B 207 12.47 15.44 -9.34
C GLN B 207 12.63 14.48 -10.51
N ILE B 208 11.59 14.33 -11.33
CA ILE B 208 11.69 13.50 -12.53
C ILE B 208 12.82 14.01 -13.41
N GLN B 209 12.92 15.33 -13.57
CA GLN B 209 13.97 15.90 -14.41
C GLN B 209 15.35 15.63 -13.82
N MET B 210 15.48 15.63 -12.50
CA MET B 210 16.77 15.32 -11.87
C MET B 210 17.16 13.87 -12.13
N VAL B 211 16.18 12.96 -12.08
CA VAL B 211 16.45 11.57 -12.41
C VAL B 211 16.90 11.45 -13.86
N ILE B 212 16.24 12.18 -14.76
CA ILE B 212 16.62 12.16 -16.17
C ILE B 212 18.03 12.73 -16.33
N ASP B 213 18.30 13.87 -15.68
CA ASP B 213 19.60 14.51 -15.81
C ASP B 213 20.73 13.68 -15.21
N SER B 214 20.40 12.74 -14.32
CA SER B 214 21.42 11.84 -13.81
C SER B 214 22.01 10.95 -14.90
N GLY B 215 21.31 10.75 -16.01
CA GLY B 215 21.75 9.83 -17.03
C GLY B 215 21.39 8.38 -16.79
N ILE B 216 20.55 8.09 -15.79
CA ILE B 216 20.27 6.72 -15.38
C ILE B 216 19.17 6.05 -16.19
N VAL B 217 18.35 6.82 -16.92
CA VAL B 217 17.19 6.22 -17.60
C VAL B 217 17.59 5.16 -18.61
N PRO B 218 18.60 5.36 -19.48
CA PRO B 218 18.98 4.29 -20.41
C PRO B 218 19.43 3.00 -19.73
N HIS B 219 19.81 3.04 -18.46
CA HIS B 219 20.18 1.85 -17.71
C HIS B 219 19.03 1.30 -16.87
N LEU B 220 17.89 2.00 -16.85
CA LEU B 220 16.69 1.59 -16.15
C LEU B 220 15.67 0.91 -17.07
N VAL B 221 15.47 1.47 -18.27
CA VAL B 221 14.44 0.93 -19.17
C VAL B 221 14.69 -0.53 -19.54
N PRO B 222 15.92 -0.97 -19.86
CA PRO B 222 16.10 -2.39 -20.21
C PRO B 222 15.80 -3.34 -19.07
N LEU B 223 15.72 -2.86 -17.83
CA LEU B 223 15.36 -3.74 -16.72
C LEU B 223 13.90 -4.19 -16.78
N LEU B 224 13.12 -3.65 -17.72
CA LEU B 224 11.75 -4.12 -17.93
C LEU B 224 11.70 -5.57 -18.38
N SER B 225 12.80 -6.10 -18.92
CA SER B 225 12.88 -7.47 -19.39
C SER B 225 13.89 -8.28 -18.59
N HIS B 226 14.15 -7.87 -17.34
CA HIS B 226 15.00 -8.65 -16.46
C HIS B 226 14.34 -9.99 -16.14
N GLN B 227 15.17 -11.00 -15.87
CA GLN B 227 14.65 -12.33 -15.58
C GLN B 227 13.80 -12.33 -14.31
N GLU B 228 14.21 -11.55 -13.31
CA GLU B 228 13.53 -11.53 -12.02
C GLU B 228 12.31 -10.62 -12.07
N VAL B 229 11.16 -11.15 -11.66
CA VAL B 229 9.92 -10.37 -11.68
C VAL B 229 9.97 -9.26 -10.63
N LYS B 230 10.72 -9.45 -9.55
CA LYS B 230 10.89 -8.38 -8.57
C LYS B 230 11.53 -7.15 -9.19
N VAL B 231 12.50 -7.36 -10.09
CA VAL B 231 13.14 -6.24 -10.76
C VAL B 231 12.20 -5.61 -11.79
N GLN B 232 11.48 -6.45 -12.55
CA GLN B 232 10.55 -5.95 -13.55
C GLN B 232 9.49 -5.05 -12.92
N THR B 233 8.86 -5.52 -11.84
CA THR B 233 7.81 -4.75 -11.18
C THR B 233 8.32 -3.39 -10.74
N ALA B 234 9.53 -3.33 -10.18
CA ALA B 234 10.08 -2.06 -9.74
C ALA B 234 10.41 -1.16 -10.91
N ALA B 235 10.98 -1.73 -11.99
CA ALA B 235 11.34 -0.92 -13.14
C ALA B 235 10.11 -0.39 -13.86
N LEU B 236 9.06 -1.22 -13.98
CA LEU B 236 7.83 -0.75 -14.61
C LEU B 236 7.22 0.40 -13.81
N ARG B 237 7.32 0.34 -12.48
CA ARG B 237 6.82 1.44 -11.66
C ARG B 237 7.65 2.70 -11.88
N ALA B 238 8.97 2.57 -11.91
CA ALA B 238 9.84 3.74 -12.01
C ALA B 238 9.67 4.43 -13.36
N VAL B 239 9.73 3.67 -14.46
CA VAL B 239 9.54 4.30 -15.76
C VAL B 239 8.09 4.72 -15.95
N GLY B 240 7.16 4.04 -15.27
CA GLY B 240 5.77 4.46 -15.32
C GLY B 240 5.56 5.82 -14.68
N ASN B 241 6.30 6.10 -13.60
CA ASN B 241 6.23 7.41 -12.96
C ASN B 241 6.82 8.50 -13.84
N ILE B 242 7.90 8.18 -14.56
CA ILE B 242 8.53 9.20 -15.40
C ILE B 242 7.56 9.69 -16.48
N VAL B 243 6.84 8.77 -17.12
CA VAL B 243 5.99 9.12 -18.25
C VAL B 243 4.70 9.78 -17.76
N THR B 244 4.58 10.01 -16.46
CA THR B 244 3.54 10.90 -15.95
C THR B 244 3.93 12.37 -16.06
N GLY B 245 5.15 12.66 -16.50
CA GLY B 245 5.64 14.01 -16.65
C GLY B 245 5.27 14.63 -17.97
N THR B 246 6.16 15.51 -18.46
CA THR B 246 5.91 16.25 -19.69
C THR B 246 6.09 15.36 -20.91
N ASP B 247 5.75 15.92 -22.08
CA ASP B 247 5.92 15.19 -23.34
C ASP B 247 7.39 14.92 -23.62
N GLU B 248 8.27 15.87 -23.28
CA GLU B 248 9.70 15.68 -23.49
C GLU B 248 10.24 14.59 -22.57
N GLN B 249 9.88 14.64 -21.29
CA GLN B 249 10.33 13.62 -20.34
C GLN B 249 9.83 12.24 -20.76
N THR B 250 8.59 12.16 -21.25
CA THR B 250 8.07 10.91 -21.77
C THR B 250 8.88 10.43 -22.97
N GLN B 251 9.27 11.36 -23.85
CA GLN B 251 10.01 10.98 -25.05
C GLN B 251 11.37 10.37 -24.72
N VAL B 252 12.00 10.85 -23.64
CA VAL B 252 13.27 10.26 -23.21
C VAL B 252 13.10 8.76 -22.95
N VAL B 253 12.03 8.39 -22.24
CA VAL B 253 11.77 6.97 -21.97
C VAL B 253 11.49 6.22 -23.27
N LEU B 254 10.70 6.82 -24.16
CA LEU B 254 10.40 6.16 -25.43
C LEU B 254 11.66 6.00 -26.28
N ASN B 255 12.58 6.97 -26.22
CA ASN B 255 13.80 6.90 -27.02
C ASN B 255 14.81 5.89 -26.49
N CYS B 256 14.53 5.26 -25.34
CA CYS B 256 15.29 4.12 -24.86
C CYS B 256 14.64 2.79 -25.24
N ASP B 257 13.72 2.82 -26.22
CA ASP B 257 13.06 1.61 -26.73
C ASP B 257 12.17 0.96 -25.67
N ALA B 258 11.45 1.78 -24.91
CA ALA B 258 10.61 1.23 -23.84
C ALA B 258 9.48 0.37 -24.39
N LEU B 259 8.87 0.79 -25.50
CA LEU B 259 7.68 0.11 -26.00
C LEU B 259 7.98 -1.31 -26.48
N SER B 260 9.24 -1.62 -26.82
CA SER B 260 9.56 -2.96 -27.28
C SER B 260 9.35 -4.01 -26.20
N HIS B 261 9.39 -3.62 -24.93
CA HIS B 261 9.24 -4.57 -23.83
C HIS B 261 7.79 -4.90 -23.50
N PHE B 262 6.83 -4.18 -24.06
CA PHE B 262 5.46 -4.24 -23.57
C PHE B 262 4.60 -5.35 -24.13
N PRO B 263 4.88 -5.92 -25.31
CA PRO B 263 4.17 -7.17 -25.68
C PRO B 263 4.30 -8.26 -24.62
N ALA B 264 5.51 -8.48 -24.10
CA ALA B 264 5.70 -9.50 -23.07
C ALA B 264 5.15 -9.09 -21.71
N LEU B 265 4.93 -7.78 -21.49
CA LEU B 265 4.32 -7.31 -20.25
C LEU B 265 2.81 -7.39 -20.26
N LEU B 266 2.18 -7.15 -21.42
CA LEU B 266 0.73 -7.26 -21.52
C LEU B 266 0.26 -8.71 -21.49
N THR B 267 1.15 -9.66 -21.80
CA THR B 267 0.82 -11.09 -21.75
C THR B 267 1.47 -11.78 -20.57
N HIS B 268 2.08 -11.03 -19.66
CA HIS B 268 2.79 -11.61 -18.53
C HIS B 268 1.82 -12.39 -17.63
N PRO B 269 2.28 -13.47 -17.00
CA PRO B 269 1.39 -14.23 -16.10
C PRO B 269 0.75 -13.39 -15.00
N LYS B 270 1.48 -12.44 -14.43
CA LYS B 270 0.99 -11.70 -13.26
C LYS B 270 0.04 -10.59 -13.70
N GLU B 271 -1.18 -10.62 -13.16
CA GLU B 271 -2.16 -9.58 -13.48
C GLU B 271 -1.68 -8.20 -13.06
N LYS B 272 -0.89 -8.11 -11.99
CA LYS B 272 -0.40 -6.82 -11.53
C LYS B 272 0.49 -6.16 -12.58
N ILE B 273 1.32 -6.95 -13.25
CA ILE B 273 2.16 -6.41 -14.31
C ILE B 273 1.31 -6.01 -15.51
N ASN B 274 0.30 -6.81 -15.84
CA ASN B 274 -0.64 -6.44 -16.90
C ASN B 274 -1.27 -5.09 -16.64
N LYS B 275 -1.74 -4.86 -15.41
CA LYS B 275 -2.42 -3.61 -15.09
C LYS B 275 -1.47 -2.42 -15.15
N GLU B 276 -0.29 -2.54 -14.53
CA GLU B 276 0.66 -1.43 -14.55
C GLU B 276 1.18 -1.16 -15.96
N ALA B 277 1.25 -2.19 -16.80
CA ALA B 277 1.72 -1.98 -18.16
C ALA B 277 0.70 -1.19 -18.97
N VAL B 278 -0.59 -1.48 -18.77
CA VAL B 278 -1.63 -0.71 -19.46
C VAL B 278 -1.69 0.70 -18.91
N TRP B 279 -1.47 0.85 -17.60
CA TRP B 279 -1.41 2.19 -17.00
C TRP B 279 -0.30 3.01 -17.63
N PHE B 280 0.88 2.39 -17.82
CA PHE B 280 1.97 3.05 -18.54
C PHE B 280 1.50 3.52 -19.91
N LEU B 281 0.91 2.62 -20.69
CA LEU B 281 0.49 2.97 -22.05
C LEU B 281 -0.60 4.04 -22.04
N SER B 282 -1.46 4.05 -21.02
CA SER B 282 -2.48 5.09 -20.94
C SER B 282 -1.86 6.48 -20.84
N ASN B 283 -0.71 6.58 -20.18
CA ASN B 283 0.01 7.85 -20.10
C ASN B 283 0.77 8.18 -21.39
N ILE B 284 0.98 7.20 -22.26
CA ILE B 284 1.56 7.49 -23.57
C ILE B 284 0.51 7.97 -24.55
N THR B 285 -0.69 7.36 -24.50
CA THR B 285 -1.78 7.84 -25.35
C THR B 285 -2.35 9.16 -24.89
N ALA B 286 -1.98 9.63 -23.69
CA ALA B 286 -2.26 10.98 -23.25
C ALA B 286 -1.21 11.98 -23.72
N GLY B 287 -0.14 11.53 -24.37
CA GLY B 287 0.90 12.40 -24.89
C GLY B 287 0.50 13.01 -26.22
N ASN B 288 1.52 13.40 -26.99
CA ASN B 288 1.28 14.04 -28.27
C ASN B 288 1.01 12.98 -29.35
N GLN B 289 0.75 13.46 -30.57
CA GLN B 289 0.27 12.57 -31.62
C GLN B 289 1.36 11.62 -32.10
N GLN B 290 2.63 12.02 -32.02
CA GLN B 290 3.70 11.11 -32.40
CA GLN B 290 3.73 11.12 -32.38
C GLN B 290 3.92 10.02 -31.34
N GLN B 291 3.62 10.31 -30.08
CA GLN B 291 3.70 9.28 -29.06
C GLN B 291 2.50 8.34 -29.14
N VAL B 292 1.33 8.86 -29.49
CA VAL B 292 0.20 7.99 -29.83
C VAL B 292 0.56 7.08 -31.00
N GLN B 293 1.19 7.67 -32.03
CA GLN B 293 1.58 6.90 -33.21
C GLN B 293 2.60 5.82 -32.87
N ALA B 294 3.49 6.09 -31.90
CA ALA B 294 4.46 5.09 -31.50
C ALA B 294 3.79 3.87 -30.88
N VAL B 295 2.71 4.08 -30.13
CA VAL B 295 1.95 2.95 -29.58
C VAL B 295 1.30 2.17 -30.71
N ILE B 296 0.77 2.87 -31.72
CA ILE B 296 0.17 2.19 -32.87
C ILE B 296 1.24 1.42 -33.65
N ASP B 297 2.38 2.05 -33.91
CA ASP B 297 3.44 1.40 -34.67
C ASP B 297 4.01 0.19 -33.93
N ALA B 298 3.98 0.21 -32.60
CA ALA B 298 4.46 -0.93 -31.82
C ALA B 298 3.46 -2.09 -31.78
N ASN B 299 2.33 -1.97 -32.49
CA ASN B 299 1.32 -3.03 -32.57
C ASN B 299 0.73 -3.38 -31.21
N LEU B 300 0.59 -2.37 -30.34
CA LEU B 300 0.12 -2.61 -28.98
C LEU B 300 -1.39 -2.41 -28.81
N VAL B 301 -2.04 -1.74 -29.77
CA VAL B 301 -3.47 -1.46 -29.61
C VAL B 301 -4.32 -2.73 -29.57
N PRO B 302 -4.13 -3.72 -30.46
CA PRO B 302 -4.95 -4.94 -30.35
C PRO B 302 -4.78 -5.65 -29.01
N MET B 303 -3.57 -5.60 -28.44
CA MET B 303 -3.35 -6.22 -27.14
C MET B 303 -4.02 -5.42 -26.03
N ILE B 304 -4.13 -4.10 -26.19
CA ILE B 304 -4.88 -3.29 -25.22
C ILE B 304 -6.37 -3.60 -25.32
N ILE B 305 -6.89 -3.69 -26.54
CA ILE B 305 -8.31 -3.99 -26.73
C ILE B 305 -8.64 -5.39 -26.23
N HIS B 306 -7.70 -6.33 -26.36
CA HIS B 306 -7.91 -7.68 -25.83
C HIS B 306 -8.07 -7.63 -24.31
N LEU B 307 -7.19 -6.92 -23.61
CA LEU B 307 -7.30 -6.80 -22.17
C LEU B 307 -8.52 -5.98 -21.76
N LEU B 308 -8.92 -5.02 -22.60
CA LEU B 308 -10.15 -4.28 -22.34
C LEU B 308 -11.36 -5.20 -22.27
N ASP B 309 -11.33 -6.28 -23.03
CA ASP B 309 -12.46 -7.19 -23.11
C ASP B 309 -12.33 -8.35 -22.11
N LYS B 310 -11.18 -9.04 -22.10
CA LYS B 310 -11.02 -10.26 -21.33
C LYS B 310 -10.28 -10.09 -20.01
N GLY B 311 -9.57 -8.99 -19.80
CA GLY B 311 -8.75 -8.85 -18.62
C GLY B 311 -9.55 -8.70 -17.33
N ASP B 312 -8.82 -8.76 -16.20
CA ASP B 312 -9.45 -8.51 -14.91
C ASP B 312 -9.83 -7.03 -14.81
N PHE B 313 -10.75 -6.73 -13.89
CA PHE B 313 -11.36 -5.40 -13.89
C PHE B 313 -10.35 -4.30 -13.65
N GLY B 314 -9.32 -4.56 -12.85
CA GLY B 314 -8.26 -3.57 -12.67
C GLY B 314 -7.58 -3.22 -13.99
N THR B 315 -7.28 -4.24 -14.80
CA THR B 315 -6.63 -4.00 -16.08
C THR B 315 -7.59 -3.36 -17.08
N GLN B 316 -8.86 -3.80 -17.09
CA GLN B 316 -9.85 -3.22 -18.00
C GLN B 316 -10.03 -1.74 -17.73
N LYS B 317 -9.94 -1.35 -16.47
CA LYS B 317 -10.04 0.04 -16.08
C LYS B 317 -8.92 0.89 -16.68
N GLU B 318 -7.68 0.43 -16.53
CA GLU B 318 -6.58 1.13 -17.17
C GLU B 318 -6.70 1.11 -18.70
N ALA B 319 -7.26 0.03 -19.26
CA ALA B 319 -7.43 -0.04 -20.70
C ALA B 319 -8.44 0.99 -21.20
N ALA B 320 -9.52 1.19 -20.43
CA ALA B 320 -10.49 2.21 -20.77
C ALA B 320 -9.86 3.61 -20.77
N TRP B 321 -9.00 3.87 -19.77
CA TRP B 321 -8.25 5.13 -19.76
C TRP B 321 -7.37 5.25 -20.99
N ALA B 322 -6.66 4.18 -21.34
CA ALA B 322 -5.76 4.22 -22.49
C ALA B 322 -6.53 4.53 -23.78
N ILE B 323 -7.72 3.94 -23.93
CA ILE B 323 -8.51 4.21 -25.12
C ILE B 323 -9.07 5.64 -25.06
N SER B 324 -9.61 6.03 -23.91
CA SER B 324 -10.26 7.32 -23.78
C SER B 324 -9.26 8.46 -23.96
N ASN B 325 -8.04 8.28 -23.44
CA ASN B 325 -7.00 9.29 -23.64
C ASN B 325 -6.69 9.47 -25.11
N LEU B 326 -6.66 8.37 -25.88
CA LEU B 326 -6.35 8.44 -27.29
C LEU B 326 -7.41 9.23 -28.06
N THR B 327 -8.67 9.14 -27.64
CA THR B 327 -9.74 9.88 -28.30
C THR B 327 -9.64 11.39 -28.05
N ILE B 328 -8.84 11.82 -27.08
CA ILE B 328 -8.64 13.25 -26.83
C ILE B 328 -7.41 13.77 -27.56
N SER B 329 -6.33 13.00 -27.57
CA SER B 329 -5.06 13.46 -28.13
C SER B 329 -4.85 13.09 -29.59
N GLY B 330 -5.49 12.03 -30.07
CA GLY B 330 -5.14 11.47 -31.35
C GLY B 330 -5.70 12.23 -32.54
N ARG B 331 -5.09 11.97 -33.70
CA ARG B 331 -5.63 12.46 -34.96
C ARG B 331 -6.90 11.70 -35.31
N LYS B 332 -7.56 12.15 -36.38
CA LYS B 332 -8.73 11.43 -36.86
C LYS B 332 -8.36 10.06 -37.39
N ASP B 333 -7.23 9.96 -38.10
CA ASP B 333 -6.80 8.66 -38.63
C ASP B 333 -6.34 7.71 -37.54
N GLN B 334 -5.91 8.23 -36.39
CA GLN B 334 -5.53 7.35 -35.28
C GLN B 334 -6.76 6.83 -34.56
N VAL B 335 -7.81 7.64 -34.44
CA VAL B 335 -9.07 7.18 -33.88
C VAL B 335 -9.78 6.24 -34.86
N ALA B 336 -9.66 6.50 -36.17
CA ALA B 336 -10.22 5.58 -37.15
C ALA B 336 -9.56 4.21 -37.05
N TYR B 337 -8.25 4.18 -36.76
CA TYR B 337 -7.56 2.91 -36.58
C TYR B 337 -8.14 2.15 -35.39
N LEU B 338 -8.58 2.89 -34.37
CA LEU B 338 -9.23 2.29 -33.22
C LEU B 338 -10.53 1.59 -33.61
N ILE B 339 -11.39 2.30 -34.37
CA ILE B 339 -12.67 1.73 -34.82
C ILE B 339 -12.44 0.49 -35.67
N GLN B 340 -11.44 0.53 -36.56
CA GLN B 340 -11.14 -0.61 -37.41
C GLN B 340 -10.73 -1.83 -36.58
N GLN B 341 -10.07 -1.61 -35.45
CA GLN B 341 -9.67 -2.70 -34.56
C GLN B 341 -10.80 -3.13 -33.63
N ASN B 342 -12.03 -2.72 -33.90
CA ASN B 342 -13.22 -3.19 -33.18
C ASN B 342 -13.16 -2.87 -31.69
N VAL B 343 -12.84 -1.61 -31.39
CA VAL B 343 -12.83 -1.15 -30.00
C VAL B 343 -14.24 -0.96 -29.47
N ILE B 344 -15.22 -0.77 -30.35
CA ILE B 344 -16.55 -0.32 -29.89
C ILE B 344 -17.22 -1.32 -28.95
N PRO B 345 -17.33 -2.61 -29.27
CA PRO B 345 -18.10 -3.52 -28.39
C PRO B 345 -17.50 -3.63 -26.99
N PRO B 346 -16.22 -4.02 -26.83
CA PRO B 346 -15.72 -4.18 -25.45
C PRO B 346 -15.64 -2.88 -24.69
N PHE B 347 -15.48 -1.75 -25.39
CA PHE B 347 -15.54 -0.44 -24.74
C PHE B 347 -16.92 -0.19 -24.16
N CYS B 348 -17.97 -0.47 -24.94
CA CYS B 348 -19.33 -0.25 -24.47
C CYS B 348 -19.72 -1.21 -23.36
N ASN B 349 -19.16 -2.42 -23.34
CA ASN B 349 -19.52 -3.41 -22.34
C ASN B 349 -19.20 -2.95 -20.92
N LEU B 350 -18.34 -1.94 -20.77
CA LEU B 350 -17.98 -1.43 -19.45
C LEU B 350 -18.97 -0.40 -18.93
N LEU B 351 -19.98 -0.02 -19.72
CA LEU B 351 -20.90 1.04 -19.31
C LEU B 351 -21.78 0.64 -18.13
N THR B 352 -21.83 -0.64 -17.77
CA THR B 352 -22.75 -1.12 -16.75
C THR B 352 -22.05 -1.47 -15.44
N VAL B 353 -20.77 -1.15 -15.29
CA VAL B 353 -20.05 -1.46 -14.06
C VAL B 353 -20.45 -0.45 -12.99
N LYS B 354 -20.13 -0.76 -11.73
CA LYS B 354 -20.52 0.08 -10.61
C LYS B 354 -19.52 1.19 -10.30
N ASP B 355 -18.35 1.18 -10.95
CA ASP B 355 -17.36 2.24 -10.78
C ASP B 355 -17.79 3.44 -11.63
N ALA B 356 -18.19 4.53 -10.96
CA ALA B 356 -18.69 5.69 -11.68
C ALA B 356 -17.59 6.37 -12.50
N GLN B 357 -16.33 6.22 -12.09
CA GLN B 357 -15.25 6.81 -12.87
C GLN B 357 -15.05 6.08 -14.20
N VAL B 358 -15.14 4.75 -14.18
CA VAL B 358 -15.00 3.97 -15.40
C VAL B 358 -16.11 4.30 -16.38
N VAL B 359 -17.35 4.41 -15.88
CA VAL B 359 -18.48 4.77 -16.74
C VAL B 359 -18.27 6.14 -17.36
N GLN B 360 -17.78 7.09 -16.56
CA GLN B 360 -17.52 8.43 -17.09
C GLN B 360 -16.42 8.40 -18.14
N VAL B 361 -15.40 7.57 -17.93
CA VAL B 361 -14.29 7.49 -18.88
C VAL B 361 -14.76 6.95 -20.23
N VAL B 362 -15.64 5.95 -20.21
CA VAL B 362 -16.13 5.36 -21.45
C VAL B 362 -17.07 6.33 -22.16
N LEU B 363 -17.95 7.00 -21.40
CA LEU B 363 -18.86 7.97 -22.01
C LEU B 363 -18.10 9.14 -22.63
N ASP B 364 -17.06 9.63 -21.93
CA ASP B 364 -16.21 10.67 -22.51
C ASP B 364 -15.58 10.20 -23.82
N GLY B 365 -15.10 8.95 -23.86
CA GLY B 365 -14.47 8.45 -25.06
C GLY B 365 -15.44 8.30 -26.21
N LEU B 366 -16.64 7.76 -25.94
CA LEU B 366 -17.64 7.61 -26.99
C LEU B 366 -18.07 8.95 -27.54
N SER B 367 -18.22 9.96 -26.67
CA SER B 367 -18.57 11.29 -27.13
C SER B 367 -17.49 11.86 -28.04
N ASN B 368 -16.22 11.70 -27.65
CA ASN B 368 -15.11 12.20 -28.46
C ASN B 368 -15.02 11.47 -29.79
N ILE B 369 -15.32 10.17 -29.79
CA ILE B 369 -15.26 9.39 -31.02
C ILE B 369 -16.31 9.85 -32.03
N LEU B 370 -17.53 10.10 -31.55
CA LEU B 370 -18.61 10.51 -32.45
C LEU B 370 -18.40 11.95 -32.94
N LYS B 371 -17.91 12.83 -32.06
CA LYS B 371 -17.65 14.20 -32.48
C LYS B 371 -16.53 14.28 -33.51
N MET B 372 -15.58 13.33 -33.47
CA MET B 372 -14.44 13.36 -34.37
C MET B 372 -14.76 12.82 -35.76
N ALA B 373 -15.65 11.82 -35.85
CA ALA B 373 -15.98 11.20 -37.13
C ALA B 373 -17.06 12.04 -37.81
N GLU B 374 -16.61 13.09 -38.51
CA GLU B 374 -17.53 14.01 -39.15
C GLU B 374 -18.44 13.29 -40.13
N ASP B 375 -17.86 12.52 -41.04
CA ASP B 375 -18.67 11.80 -42.02
C ASP B 375 -19.13 10.44 -41.51
N GLU B 376 -18.28 9.74 -40.77
CA GLU B 376 -18.54 8.36 -40.38
C GLU B 376 -19.31 8.23 -39.06
N ALA B 377 -19.82 9.33 -38.51
CA ALA B 377 -20.57 9.25 -37.26
C ALA B 377 -21.79 8.36 -37.39
N GLU B 378 -22.36 8.27 -38.60
CA GLU B 378 -23.50 7.38 -38.82
C GLU B 378 -23.10 5.92 -38.64
N THR B 379 -22.00 5.51 -39.28
CA THR B 379 -21.53 4.13 -39.14
C THR B 379 -21.21 3.80 -37.69
N ILE B 380 -20.53 4.70 -36.99
CA ILE B 380 -20.17 4.45 -35.60
C ILE B 380 -21.42 4.40 -34.72
N GLY B 381 -22.39 5.27 -35.00
CA GLY B 381 -23.62 5.25 -34.21
C GLY B 381 -24.36 3.94 -34.31
N ASN B 382 -24.34 3.31 -35.48
CA ASN B 382 -24.96 2.00 -35.63
C ASN B 382 -24.13 0.92 -34.96
N LEU B 383 -22.79 1.02 -35.04
CA LEU B 383 -21.92 0.08 -34.35
C LEU B 383 -22.19 0.09 -32.85
N ILE B 384 -22.45 1.28 -32.29
CA ILE B 384 -22.73 1.39 -30.86
C ILE B 384 -24.06 0.73 -30.52
N GLU B 385 -25.07 0.92 -31.38
CA GLU B 385 -26.36 0.28 -31.13
C GLU B 385 -26.32 -1.21 -31.42
N GLU B 386 -25.49 -1.63 -32.39
CA GLU B 386 -25.41 -3.03 -32.77
C GLU B 386 -24.97 -3.92 -31.62
N CYS B 387 -24.11 -3.41 -30.74
CA CYS B 387 -23.56 -4.21 -29.65
C CYS B 387 -24.31 -4.02 -28.34
N GLY B 388 -25.38 -3.24 -28.32
CA GLY B 388 -26.13 -2.97 -27.11
C GLY B 388 -25.69 -1.74 -26.35
N GLY B 389 -24.76 -0.95 -26.89
CA GLY B 389 -24.29 0.24 -26.19
C GLY B 389 -25.36 1.31 -26.05
N LEU B 390 -26.19 1.48 -27.08
CA LEU B 390 -27.23 2.51 -27.03
C LEU B 390 -28.22 2.23 -25.91
N GLU B 391 -28.60 0.96 -25.73
CA GLU B 391 -29.47 0.60 -24.61
C GLU B 391 -28.83 0.97 -23.28
N LYS B 392 -27.51 0.82 -23.18
CA LYS B 392 -26.82 1.12 -21.92
C LYS B 392 -26.68 2.62 -21.71
N ILE B 393 -26.49 3.38 -22.79
CA ILE B 393 -26.43 4.83 -22.67
C ILE B 393 -27.78 5.38 -22.22
N GLU B 394 -28.87 4.80 -22.73
CA GLU B 394 -30.21 5.27 -22.35
C GLU B 394 -30.46 5.11 -20.85
N GLN B 395 -30.11 3.95 -20.29
CA GLN B 395 -30.35 3.73 -18.87
C GLN B 395 -29.40 4.53 -17.98
N LEU B 396 -28.25 4.95 -18.49
CA LEU B 396 -27.38 5.84 -17.73
C LEU B 396 -27.94 7.23 -17.63
N GLN B 397 -29.01 7.55 -18.37
CA GLN B 397 -29.78 8.75 -18.08
C GLN B 397 -30.45 8.66 -16.72
N ASN B 398 -30.62 7.45 -16.19
CA ASN B 398 -31.18 7.22 -14.87
C ASN B 398 -30.11 7.17 -13.77
N HIS B 399 -28.89 7.61 -14.06
CA HIS B 399 -27.80 7.44 -13.10
C HIS B 399 -27.83 8.51 -12.02
N GLU B 400 -27.28 8.16 -10.87
CA GLU B 400 -27.23 9.06 -9.72
C GLU B 400 -26.26 10.21 -9.91
N ASN B 401 -25.26 10.04 -10.78
CA ASN B 401 -24.22 11.04 -10.96
C ASN B 401 -24.63 12.02 -12.04
N GLU B 402 -24.57 13.32 -11.73
CA GLU B 402 -25.02 14.34 -12.66
C GLU B 402 -24.12 14.42 -13.89
N ASP B 403 -22.80 14.28 -13.69
CA ASP B 403 -21.89 14.32 -14.83
C ASP B 403 -22.12 13.15 -15.78
N ILE B 404 -22.64 12.03 -15.27
CA ILE B 404 -22.84 10.86 -16.11
C ILE B 404 -24.16 10.95 -16.88
N TYR B 405 -25.26 11.27 -16.19
CA TYR B 405 -26.55 11.26 -16.89
C TYR B 405 -26.69 12.46 -17.81
N LYS B 406 -26.00 13.57 -17.51
CA LYS B 406 -25.99 14.71 -18.41
C LYS B 406 -25.28 14.36 -19.72
N LEU B 407 -24.15 13.65 -19.62
CA LEU B 407 -23.43 13.25 -20.82
C LEU B 407 -24.20 12.20 -21.61
N ALA B 408 -24.93 11.31 -20.93
CA ALA B 408 -25.79 10.36 -21.63
C ALA B 408 -26.88 11.07 -22.41
N TYR B 409 -27.44 12.13 -21.81
CA TYR B 409 -28.45 12.94 -22.51
C TYR B 409 -27.85 13.61 -23.74
N GLU B 410 -26.69 14.25 -23.58
CA GLU B 410 -26.09 15.00 -24.67
C GLU B 410 -25.62 14.10 -25.80
N ILE B 411 -25.25 12.85 -25.49
CA ILE B 411 -24.81 11.92 -26.53
C ILE B 411 -25.98 11.52 -27.41
N ILE B 412 -27.12 11.20 -26.81
CA ILE B 412 -28.27 10.73 -27.57
C ILE B 412 -28.90 11.88 -28.34
N ASP B 413 -28.93 13.08 -27.77
CA ASP B 413 -29.49 14.23 -28.47
C ASP B 413 -28.64 14.59 -29.69
N GLN B 414 -27.32 14.51 -29.55
CA GLN B 414 -26.43 14.98 -30.61
C GLN B 414 -26.21 13.93 -31.70
N PHE B 415 -26.25 12.64 -31.36
CA PHE B 415 -25.88 11.61 -32.31
C PHE B 415 -26.91 10.48 -32.46
N PHE B 416 -28.02 10.53 -31.74
CA PHE B 416 -29.06 9.52 -31.90
C PHE B 416 -30.44 10.16 -31.92
N GLY C 2 3.07 -18.01 16.37
CA GLY C 2 3.05 -18.38 14.96
C GLY C 2 2.17 -17.50 14.10
N LYS C 3 1.38 -16.64 14.74
CA LYS C 3 0.48 -15.76 14.01
C LYS C 3 1.28 -14.67 13.30
N ARG C 4 0.86 -14.33 12.08
CA ARG C 4 1.53 -13.32 11.27
C ARG C 4 0.53 -12.34 10.70
N LYS C 5 0.77 -11.05 10.92
CA LYS C 5 -0.06 -10.01 10.34
C LYS C 5 0.22 -9.90 8.84
N LEU C 6 -0.75 -9.35 8.11
CA LEU C 6 -0.59 -9.16 6.67
C LEU C 6 0.24 -7.93 6.40
N ILE C 7 1.32 -8.11 5.64
CA ILE C 7 2.20 -7.02 5.23
C ILE C 7 1.77 -6.55 3.86
N THR C 8 1.58 -5.24 3.71
CA THR C 8 1.17 -4.67 2.44
C THR C 8 2.22 -4.94 1.36
N SER C 9 1.83 -4.72 0.10
CA SER C 9 2.75 -4.95 -1.01
C SER C 9 3.94 -4.00 -0.94
N GLU C 10 3.70 -2.76 -0.52
CA GLU C 10 4.80 -1.80 -0.38
C GLU C 10 5.77 -2.22 0.72
N GLU C 11 5.24 -2.69 1.86
CA GLU C 11 6.10 -3.14 2.94
C GLU C 11 6.75 -4.49 2.65
N GLU C 12 6.22 -5.23 1.67
CA GLU C 12 6.83 -6.49 1.28
C GLU C 12 8.19 -6.28 0.64
N ARG C 13 8.25 -5.40 -0.37
CA ARG C 13 9.48 -5.17 -1.12
C ARG C 13 10.32 -4.02 -0.58
N SER C 14 9.76 -3.18 0.30
CA SER C 14 10.51 -2.05 0.88
C SER C 14 10.02 -1.80 2.29
N PRO C 15 10.40 -2.66 3.23
CA PRO C 15 9.95 -2.48 4.63
C PRO C 15 10.55 -1.22 5.23
N ALA C 16 9.68 -0.40 5.85
CA ALA C 16 10.16 0.87 6.41
C ALA C 16 11.04 0.63 7.64
N LYS C 17 10.59 -0.23 8.56
CA LYS C 17 11.33 -0.53 9.77
C LYS C 17 11.60 -2.02 9.88
N ARG C 18 12.75 -2.38 10.42
CA ARG C 18 13.18 -3.76 10.56
C ARG C 18 13.89 -3.95 11.89
N GLY C 19 13.45 -4.93 12.66
CA GLY C 19 14.17 -5.36 13.82
C GLY C 19 15.10 -6.50 13.45
N ARG C 20 16.19 -6.61 14.19
CA ARG C 20 17.13 -7.71 13.98
C ARG C 20 16.75 -8.83 14.93
N LYS C 21 16.44 -9.99 14.37
CA LYS C 21 15.92 -11.13 15.10
C LYS C 21 17.03 -12.06 15.51
N SER C 22 16.75 -12.86 16.55
CA SER C 22 17.68 -13.88 17.03
C SER C 22 17.14 -15.27 16.73
N GLY D 2 -4.18 14.84 -18.82
CA GLY D 2 -4.31 13.44 -19.21
C GLY D 2 -3.44 12.50 -18.42
N LYS D 3 -2.31 13.01 -17.93
CA LYS D 3 -1.37 12.19 -17.17
C LYS D 3 -1.96 11.83 -15.81
N ARG D 4 -1.81 10.56 -15.42
CA ARG D 4 -2.33 10.07 -14.15
C ARG D 4 -1.23 9.38 -13.37
N LYS D 5 -1.00 9.83 -12.13
CA LYS D 5 -0.06 9.16 -11.24
C LYS D 5 -0.63 7.80 -10.81
N LEU D 6 0.26 6.93 -10.34
CA LEU D 6 -0.14 5.60 -9.89
C LEU D 6 -0.71 5.69 -8.47
N ILE D 7 -1.92 5.17 -8.29
CA ILE D 7 -2.58 5.11 -7.00
C ILE D 7 -2.42 3.71 -6.44
N THR D 8 -1.96 3.62 -5.19
CA THR D 8 -1.68 2.33 -4.57
C THR D 8 -2.96 1.51 -4.44
N SER D 9 -2.78 0.23 -4.09
CA SER D 9 -3.93 -0.66 -3.92
C SER D 9 -4.80 -0.22 -2.76
N GLU D 10 -4.19 0.24 -1.66
CA GLU D 10 -4.97 0.70 -0.51
C GLU D 10 -5.72 1.98 -0.82
N GLU D 11 -5.09 2.89 -1.56
CA GLU D 11 -5.72 4.16 -1.89
C GLU D 11 -6.76 4.04 -3.01
N GLU D 12 -6.75 2.95 -3.78
CA GLU D 12 -7.74 2.77 -4.82
C GLU D 12 -9.11 2.45 -4.22
N ARG D 13 -9.16 1.53 -3.26
CA ARG D 13 -10.40 1.14 -2.61
C ARG D 13 -10.73 1.99 -1.39
N SER D 14 -9.77 2.75 -0.86
CA SER D 14 -10.01 3.60 0.31
C SER D 14 -9.10 4.81 0.22
N PRO D 15 -9.47 5.80 -0.61
CA PRO D 15 -8.65 7.00 -0.73
C PRO D 15 -8.75 7.86 0.53
N ALA D 16 -7.60 8.31 1.02
CA ALA D 16 -7.57 9.09 2.25
C ALA D 16 -8.07 10.52 2.05
N LYS D 17 -7.69 11.16 0.95
CA LYS D 17 -8.12 12.53 0.65
C LYS D 17 -8.73 12.57 -0.75
N ARG D 18 -9.81 13.34 -0.88
CA ARG D 18 -10.51 13.50 -2.14
C ARG D 18 -10.89 14.95 -2.33
N GLY D 19 -10.54 15.53 -3.48
CA GLY D 19 -11.06 16.81 -3.87
C GLY D 19 -12.35 16.64 -4.66
N ARG D 20 -13.21 17.65 -4.58
CA ARG D 20 -14.43 17.66 -5.37
C ARG D 20 -14.14 18.39 -6.69
N LYS D 21 -14.36 17.68 -7.80
CA LYS D 21 -14.02 18.15 -9.13
C LYS D 21 -15.23 18.80 -9.80
N SER D 22 -14.93 19.66 -10.77
CA SER D 22 -15.95 20.33 -11.56
C SER D 22 -16.18 19.59 -12.87
#